data_7CYL
#
_entry.id   7CYL
#
_cell.length_a   129.190
_cell.length_b   158.366
_cell.length_c   68.712
_cell.angle_alpha   90.000
_cell.angle_beta   90.000
_cell.angle_gamma   90.000
#
_symmetry.space_group_name_H-M   'P 21 21 2'
#
loop_
_entity.id
_entity.type
_entity.pdbx_description
1 polymer Transportin-1
2 polymer 'RNA-binding protein FUS'
#
loop_
_entity_poly.entity_id
_entity_poly.type
_entity_poly.pdbx_seq_one_letter_code
_entity_poly.pdbx_strand_id
1 'polypeptide(L)'
;GSMEYEWKPDEQGLQQILQLLKESQSPDTTIQRTVQQKLEQLNQYPDFNNYLIFVLTKLKSEDEPTRSLSGLILKNNVKA
HFQNFPNGVTDFIKSECLNNIGDSSPLIRATVGILITTIASKGELQNWPDLLPKLCSLLDSEDYNTCEGAFGALQKICED
SAEILDSDVLDRPLNIMIPKFLQFFKHSSPKIRSHAVACVNQFIISRTQALMLHIDSFIENLFALAGDEEPEVRKNVCRA
LVMLLEVRMDRLLPHMHNIVEYMLQRTQDQDENVALEACEFWLTLAEQPICKDVLVRHLPKLIPVLVNGMKYSDIDIILL
KGDVEEDETIPDSEQDIRGGSGGSGDTISDWNLRKCSAAALDVLANVYRDELLPHILPLLKELLFHHEWVVKESGILVLG
AIAEGCMQGMIPYLPELIPHLIQCLSDKKALVRSITCWTLSRYAHWVVSQPPDTYLKPLMTELLKRILDSNKRVQEAACS
AFATLEEEACTELVPYLAYILDTLVFAFSKYQHKNLLILYDAIGTLADSVGHHLNKPEYIQMLMPPLIQKWNMLKDEDKD
LFPLLECLSSVATALQSGFLPYCEPVYQRCVNLVQKTLAQAMLNNAQPDQYEAPDKDFMIVALDLLSGLAEGLGGNIEQL
VARSNILTLMYQCMQDKMPEVRQSSFALLGDLTKACFQHVKPCIADFMPILGTNLNPEFISVCNNATWAIGEISIQMGIE
MQPYIPMVLHQLVEIINRPNTPKTLLENTAITIGRLGYVCPQEVAPMLQQFIRPWCTSLRNIRDNEEKDSAFRGICTMIS
VNPSGVIQDFIFFCDAVASWINPKDDLRDMFCKILHGFKNQVGDENWRRFSDQFPLPLKERLAAFYGV
;
A
2 'polypeptide(L)' GGSRGGYDRGGYRGRGGDRGGFRGGRGGGDRGGFGPGKMDSRGEHRQDRRERLY B
#
# COMPACT_ATOMS: atom_id res chain seq x y z
N TRP A 7 49.68 -4.46 21.65
CA TRP A 7 49.63 -3.01 21.79
C TRP A 7 50.16 -2.63 23.21
N LYS A 8 49.75 -1.47 23.76
CA LYS A 8 50.36 -0.88 24.95
C LYS A 8 49.40 -0.57 26.11
N PRO A 9 49.09 -1.52 26.98
CA PRO A 9 48.27 -1.20 28.16
C PRO A 9 49.12 -0.59 29.29
N ASP A 10 48.71 0.56 29.82
CA ASP A 10 49.45 1.20 30.90
C ASP A 10 48.68 1.06 32.21
N GLU A 11 49.39 1.14 33.35
CA GLU A 11 48.69 0.99 34.62
C GLU A 11 47.75 2.17 34.91
N GLN A 12 48.26 3.40 34.75
CA GLN A 12 47.45 4.61 34.98
C GLN A 12 46.18 4.67 34.11
N GLY A 13 46.33 4.44 32.80
CA GLY A 13 45.18 4.47 31.90
C GLY A 13 44.16 3.41 32.28
N LEU A 14 44.65 2.21 32.53
CA LEU A 14 43.77 1.11 32.87
C LEU A 14 43.04 1.43 34.17
N GLN A 15 43.76 1.95 35.15
CA GLN A 15 43.14 2.28 36.42
C GLN A 15 42.01 3.30 36.23
N GLN A 16 42.22 4.29 35.34
CA GLN A 16 41.20 5.31 35.17
C GLN A 16 39.98 4.77 34.46
N ILE A 17 40.19 3.98 33.42
CA ILE A 17 39.04 3.45 32.69
C ILE A 17 38.31 2.42 33.54
N LEU A 18 39.03 1.50 34.20
CA LEU A 18 38.36 0.58 35.11
C LEU A 18 37.55 1.31 36.18
N GLN A 19 38.12 2.37 36.77
CA GLN A 19 37.36 3.18 37.72
C GLN A 19 36.09 3.72 37.09
N LEU A 20 36.21 4.27 35.88
CA LEU A 20 35.06 4.81 35.17
C LEU A 20 34.01 3.76 34.85
N LEU A 21 34.45 2.56 34.50
CA LEU A 21 33.50 1.46 34.25
C LEU A 21 32.79 1.07 35.53
N LYS A 22 33.52 0.98 36.65
CA LYS A 22 32.87 0.76 37.93
C LYS A 22 31.84 1.85 38.23
N GLU A 23 32.22 3.13 37.99
CA GLU A 23 31.34 4.25 38.27
C GLU A 23 30.10 4.25 37.37
N SER A 24 30.24 3.77 36.14
CA SER A 24 29.08 3.69 35.26
C SER A 24 28.06 2.67 35.74
N GLN A 25 28.47 1.75 36.60
CA GLN A 25 27.60 0.72 37.16
C GLN A 25 27.06 1.13 38.52
N SER A 26 27.31 2.39 38.93
CA SER A 26 26.80 2.91 40.19
C SER A 26 25.29 3.10 40.15
N PRO A 27 24.57 2.75 41.23
CA PRO A 27 23.12 3.03 41.28
C PRO A 27 22.79 4.52 41.35
N ASP A 28 23.73 5.37 41.74
CA ASP A 28 23.49 6.81 41.82
C ASP A 28 23.26 7.43 40.45
N THR A 29 22.21 8.25 40.38
CA THR A 29 21.77 8.87 39.13
C THR A 29 22.69 10.02 38.73
N THR A 30 23.18 10.78 39.71
CA THR A 30 24.08 11.86 39.36
C THR A 30 25.43 11.33 38.88
N ILE A 31 26.01 10.36 39.61
CA ILE A 31 27.23 9.71 39.16
C ILE A 31 27.05 9.14 37.75
N GLN A 32 25.86 8.60 37.44
CA GLN A 32 25.63 8.09 36.08
C GLN A 32 25.75 9.20 35.06
N ARG A 33 25.04 10.32 35.27
CA ARG A 33 25.09 11.37 34.26
C ARG A 33 26.50 11.92 34.07
N THR A 34 27.28 12.01 35.15
CA THR A 34 28.63 12.51 34.93
C THR A 34 29.59 11.46 34.35
N VAL A 35 29.40 10.18 34.64
CA VAL A 35 30.20 9.16 33.95
C VAL A 35 29.86 9.10 32.47
N GLN A 36 28.59 9.30 32.15
CA GLN A 36 28.12 9.35 30.77
C GLN A 36 28.78 10.50 30.01
N GLN A 37 28.79 11.72 30.58
CA GLN A 37 29.45 12.82 29.87
C GLN A 37 30.95 12.58 29.77
N LYS A 38 31.55 11.90 30.75
CA LYS A 38 32.98 11.59 30.64
C LYS A 38 33.25 10.63 29.48
N LEU A 39 32.38 9.63 29.30
CA LEU A 39 32.52 8.76 28.13
C LEU A 39 32.22 9.53 26.84
N GLU A 40 31.22 10.42 26.86
CA GLU A 40 30.97 11.32 25.73
C GLU A 40 32.29 11.93 25.22
N GLN A 41 33.13 12.39 26.14
CA GLN A 41 34.39 13.01 25.76
C GLN A 41 35.45 12.01 25.30
N LEU A 42 35.57 10.91 26.03
CA LEU A 42 36.54 9.85 25.75
C LEU A 42 36.28 9.11 24.43
N ASN A 43 35.00 8.91 24.10
CA ASN A 43 34.58 8.14 22.91
C ASN A 43 35.24 8.42 21.57
N GLN A 44 35.70 9.66 21.38
CA GLN A 44 36.31 10.07 20.10
C GLN A 44 37.81 9.77 20.00
N TYR A 45 38.40 9.32 21.11
CA TYR A 45 39.82 9.01 21.16
C TYR A 45 40.11 7.53 20.90
N PRO A 46 40.59 7.15 19.71
CA PRO A 46 40.83 5.75 19.38
C PRO A 46 41.55 4.90 20.44
N ASP A 47 42.48 5.51 21.17
CA ASP A 47 43.21 4.76 22.18
C ASP A 47 42.25 4.24 23.25
N PHE A 48 41.17 5.00 23.48
CA PHE A 48 40.21 4.59 24.49
C PHE A 48 39.59 3.26 24.07
N ASN A 49 39.16 3.16 22.80
CA ASN A 49 38.64 1.91 22.23
C ASN A 49 39.64 0.76 22.36
N ASN A 50 40.94 1.05 22.20
CA ASN A 50 41.91 -0.02 22.42
C ASN A 50 41.79 -0.53 23.85
N TYR A 51 41.52 0.38 24.77
CA TYR A 51 41.39 -0.03 26.17
C TYR A 51 40.10 -0.82 26.37
N LEU A 52 39.03 -0.39 25.72
CA LEU A 52 37.74 -1.05 25.88
C LEU A 52 37.80 -2.52 25.46
N ILE A 53 38.27 -2.80 24.24
CA ILE A 53 38.39 -4.21 23.87
C ILE A 53 39.39 -4.91 24.80
N PHE A 54 40.46 -4.21 25.20
CA PHE A 54 41.42 -4.88 26.09
C PHE A 54 40.73 -5.36 27.36
N VAL A 55 39.87 -4.52 27.95
CA VAL A 55 39.17 -4.93 29.16
C VAL A 55 38.22 -6.08 28.85
N LEU A 56 37.58 -6.06 27.68
CA LEU A 56 36.67 -7.15 27.34
C LEU A 56 37.41 -8.49 27.26
N THR A 57 38.42 -8.58 26.44
CA THR A 57 39.00 -9.88 26.10
C THR A 57 40.16 -10.32 26.97
N LYS A 58 41.01 -9.41 27.41
CA LYS A 58 42.21 -9.83 28.12
C LYS A 58 42.12 -9.82 29.65
N LEU A 59 41.53 -8.79 30.27
CA LEU A 59 41.53 -8.62 31.73
C LEU A 59 40.61 -9.57 32.49
N LYS A 60 41.05 -10.83 32.66
CA LYS A 60 40.31 -11.84 33.44
C LYS A 60 40.02 -11.41 34.89
N SER A 61 40.89 -10.61 35.50
CA SER A 61 40.71 -10.23 36.91
C SER A 61 39.32 -9.63 37.14
N GLU A 62 38.84 -8.79 36.23
CA GLU A 62 37.60 -8.05 36.43
C GLU A 62 36.40 -8.96 36.22
N ASP A 63 35.32 -8.63 36.91
CA ASP A 63 34.13 -9.45 36.81
C ASP A 63 33.52 -9.33 35.42
N GLU A 64 32.56 -10.22 35.14
CA GLU A 64 31.99 -10.33 33.81
C GLU A 64 31.14 -9.14 33.39
N PRO A 65 30.25 -8.60 34.23
CA PRO A 65 29.46 -7.45 33.76
C PRO A 65 30.32 -6.25 33.44
N THR A 66 31.51 -6.14 34.02
CA THR A 66 32.40 -5.04 33.69
C THR A 66 33.04 -5.25 32.32
N ARG A 67 33.61 -6.44 32.10
CA ARG A 67 34.17 -6.76 30.78
C ARG A 67 33.12 -6.62 29.68
N SER A 68 31.89 -7.03 29.97
CA SER A 68 30.88 -7.02 28.94
C SER A 68 30.40 -5.60 28.69
N LEU A 69 30.30 -4.80 29.75
CA LEU A 69 29.90 -3.41 29.57
C LEU A 69 30.95 -2.65 28.75
N SER A 70 32.24 -2.90 29.04
CA SER A 70 33.30 -2.39 28.18
C SER A 70 33.08 -2.77 26.71
N GLY A 71 32.80 -4.05 26.46
CA GLY A 71 32.54 -4.48 25.09
C GLY A 71 31.36 -3.76 24.44
N LEU A 72 30.33 -3.46 25.24
CA LEU A 72 29.12 -2.89 24.67
C LEU A 72 29.29 -1.39 24.42
N ILE A 73 29.95 -0.68 25.35
CA ILE A 73 30.31 0.71 25.09
C ILE A 73 31.11 0.80 23.80
N LEU A 74 32.14 -0.06 23.68
CA LEU A 74 32.88 -0.17 22.42
C LEU A 74 31.93 -0.35 21.24
N LYS A 75 30.94 -1.24 21.37
CA LYS A 75 29.99 -1.45 20.27
C LYS A 75 29.26 -0.16 19.89
N ASN A 76 28.80 0.62 20.87
CA ASN A 76 28.15 1.89 20.54
C ASN A 76 29.11 2.81 19.81
N ASN A 77 30.37 2.83 20.27
CA ASN A 77 31.39 3.66 19.63
C ASN A 77 31.58 3.22 18.19
N VAL A 78 31.50 1.92 17.93
CA VAL A 78 31.65 1.47 16.56
C VAL A 78 30.44 1.93 15.75
N LYS A 79 29.25 1.61 16.21
CA LYS A 79 28.05 2.02 15.51
C LYS A 79 27.86 3.55 15.46
N ALA A 80 28.85 4.35 15.88
CA ALA A 80 28.62 5.80 15.79
C ALA A 80 29.86 6.57 15.37
N HIS A 81 31.00 5.88 15.28
CA HIS A 81 32.26 6.53 14.99
C HIS A 81 33.19 5.67 14.14
N PHE A 82 32.72 4.55 13.57
CA PHE A 82 33.66 3.59 12.98
C PHE A 82 34.40 4.17 11.78
N GLN A 83 33.79 5.10 11.05
CA GLN A 83 34.50 5.75 9.94
C GLN A 83 35.82 6.35 10.41
N ASN A 84 35.82 6.96 11.61
CA ASN A 84 36.97 7.67 12.17
C ASN A 84 37.94 6.74 12.90
N PHE A 85 37.72 5.42 12.86
CA PHE A 85 38.71 4.49 13.41
C PHE A 85 39.89 4.40 12.48
N PRO A 86 41.12 4.58 12.96
CA PRO A 86 42.27 4.15 12.16
C PRO A 86 42.36 2.63 12.12
N ASN A 87 43.12 2.12 11.15
CA ASN A 87 43.19 0.67 10.94
C ASN A 87 43.90 -0.08 12.05
N GLY A 88 44.92 0.49 12.69
CA GLY A 88 45.62 -0.27 13.71
C GLY A 88 44.73 -0.71 14.85
N VAL A 89 43.83 0.17 15.30
CA VAL A 89 42.91 -0.19 16.37
C VAL A 89 41.82 -1.12 15.85
N THR A 90 41.16 -0.74 14.75
CA THR A 90 40.18 -1.65 14.14
C THR A 90 40.74 -3.06 14.04
N ASP A 91 41.91 -3.23 13.42
CA ASP A 91 42.46 -4.56 13.25
C ASP A 91 42.75 -5.23 14.58
N PHE A 92 43.02 -4.43 15.63
CA PHE A 92 43.27 -5.05 16.94
C PHE A 92 41.96 -5.58 17.53
N ILE A 93 40.88 -4.83 17.32
CA ILE A 93 39.56 -5.27 17.75
C ILE A 93 39.11 -6.50 16.98
N LYS A 94 39.21 -6.44 15.65
CA LYS A 94 38.83 -7.56 14.79
C LYS A 94 39.51 -8.86 15.24
N SER A 95 40.85 -8.82 15.32
CA SER A 95 41.63 -9.97 15.76
C SER A 95 41.16 -10.47 17.12
N GLU A 96 40.96 -9.55 18.06
CA GLU A 96 40.70 -10.00 19.43
C GLU A 96 39.31 -10.63 19.55
N CYS A 97 38.36 -10.11 18.77
CA CYS A 97 37.02 -10.66 18.68
C CYS A 97 37.10 -12.09 18.13
N LEU A 98 37.52 -12.26 16.87
CA LEU A 98 37.59 -13.63 16.33
C LEU A 98 38.40 -14.58 17.22
N ASN A 99 39.38 -14.09 17.97
CA ASN A 99 40.12 -14.97 18.86
C ASN A 99 39.34 -15.32 20.13
N ASN A 100 38.25 -14.60 20.43
CA ASN A 100 37.48 -14.90 21.63
C ASN A 100 36.02 -15.31 21.34
N ILE A 101 35.70 -15.63 20.08
CA ILE A 101 34.36 -16.01 19.66
C ILE A 101 33.76 -17.14 20.51
N GLY A 102 34.59 -17.96 21.15
CA GLY A 102 34.07 -19.08 21.91
C GLY A 102 34.33 -19.04 23.40
N ASP A 103 34.25 -17.86 23.99
CA ASP A 103 34.53 -17.69 25.41
C ASP A 103 33.51 -18.45 26.27
N SER A 104 34.02 -19.17 27.29
CA SER A 104 33.20 -20.00 28.15
C SER A 104 32.15 -19.22 28.94
N SER A 105 32.25 -17.87 29.01
CA SER A 105 31.16 -17.06 29.59
C SER A 105 30.12 -16.73 28.54
N PRO A 106 28.85 -17.05 28.80
CA PRO A 106 27.81 -16.70 27.82
C PRO A 106 27.65 -15.21 27.59
N LEU A 107 27.76 -14.39 28.63
CA LEU A 107 27.61 -12.95 28.43
C LEU A 107 28.76 -12.35 27.61
N ILE A 108 30.00 -12.74 27.93
CA ILE A 108 31.14 -12.30 27.13
C ILE A 108 30.99 -12.79 25.68
N ARG A 109 30.66 -14.08 25.51
CA ARG A 109 30.47 -14.62 24.17
C ARG A 109 29.45 -13.78 23.40
N ALA A 110 28.31 -13.46 24.03
CA ALA A 110 27.30 -12.65 23.34
C ALA A 110 27.83 -11.26 22.97
N THR A 111 28.57 -10.59 23.87
CA THR A 111 29.09 -9.26 23.54
C THR A 111 30.11 -9.34 22.40
N VAL A 112 31.06 -10.27 22.48
CA VAL A 112 31.97 -10.47 21.35
C VAL A 112 31.18 -10.68 20.07
N GLY A 113 30.12 -11.49 20.13
CA GLY A 113 29.32 -11.74 18.93
C GLY A 113 28.68 -10.50 18.36
N ILE A 114 27.98 -9.74 19.22
CA ILE A 114 27.34 -8.49 18.79
C ILE A 114 28.38 -7.54 18.23
N LEU A 115 29.57 -7.56 18.79
CA LEU A 115 30.60 -6.69 18.31
C LEU A 115 30.93 -7.03 16.90
N ILE A 116 31.28 -8.29 16.69
CA ILE A 116 31.63 -8.80 15.39
C ILE A 116 30.61 -8.46 14.33
N THR A 117 29.36 -8.81 14.57
CA THR A 117 28.32 -8.51 13.59
C THR A 117 28.13 -7.05 13.34
N THR A 118 28.27 -6.24 14.38
CA THR A 118 28.13 -4.80 14.26
C THR A 118 29.23 -4.22 13.40
N ILE A 119 30.43 -4.77 13.50
CA ILE A 119 31.53 -4.28 12.70
C ILE A 119 31.34 -4.60 11.23
N ALA A 120 30.71 -5.72 10.94
CA ALA A 120 30.47 -6.08 9.57
C ALA A 120 29.32 -5.28 9.04
N SER A 121 28.40 -4.93 9.90
CA SER A 121 27.26 -4.15 9.48
C SER A 121 27.66 -2.68 9.31
N LYS A 122 27.95 -2.01 10.42
CA LYS A 122 28.32 -0.59 10.38
C LYS A 122 29.54 -0.33 9.49
N GLY A 123 30.52 -1.23 9.53
CA GLY A 123 31.73 -1.06 8.75
C GLY A 123 31.46 -1.44 7.32
N GLU A 124 32.14 -2.45 6.82
CA GLU A 124 31.88 -2.84 5.46
C GLU A 124 32.21 -4.28 5.29
N LEU A 125 31.39 -5.02 4.58
CA LEU A 125 31.69 -6.41 4.42
C LEU A 125 32.97 -6.56 3.63
N GLN A 126 33.19 -5.70 2.65
CA GLN A 126 34.41 -5.81 1.85
C GLN A 126 35.58 -5.09 2.46
N ASN A 127 35.48 -4.72 3.72
CA ASN A 127 36.57 -4.04 4.39
C ASN A 127 37.14 -5.05 5.37
N TRP A 128 36.39 -6.13 5.58
CA TRP A 128 36.82 -7.19 6.47
C TRP A 128 36.78 -8.38 5.52
N PRO A 129 37.82 -8.51 4.67
CA PRO A 129 37.77 -9.45 3.54
C PRO A 129 37.79 -10.89 3.97
N ASP A 130 38.34 -11.14 5.15
CA ASP A 130 38.66 -12.47 5.65
C ASP A 130 37.85 -12.86 6.87
N LEU A 131 36.79 -12.09 7.16
CA LEU A 131 35.86 -12.47 8.22
C LEU A 131 35.18 -13.79 7.87
N LEU A 132 34.40 -13.81 6.78
CA LEU A 132 33.65 -15.00 6.36
C LEU A 132 34.53 -16.24 6.22
N PRO A 133 35.64 -16.21 5.46
CA PRO A 133 36.46 -17.43 5.34
C PRO A 133 36.90 -17.98 6.69
N LYS A 134 37.35 -17.07 7.56
CA LYS A 134 37.77 -17.53 8.88
C LYS A 134 36.59 -18.11 9.65
N LEU A 135 35.46 -17.40 9.63
CA LEU A 135 34.25 -17.84 10.35
C LEU A 135 33.86 -19.26 9.91
N CYS A 136 33.82 -19.49 8.60
CA CYS A 136 33.55 -20.82 8.08
C CYS A 136 34.53 -21.84 8.65
N SER A 137 35.84 -21.58 8.61
CA SER A 137 36.75 -22.57 9.17
C SER A 137 36.57 -22.81 10.68
N LEU A 138 36.14 -21.77 11.40
CA LEU A 138 35.89 -21.89 12.83
C LEU A 138 34.72 -22.85 13.03
N LEU A 139 33.85 -22.94 12.03
CA LEU A 139 32.70 -23.83 12.09
C LEU A 139 33.17 -25.28 12.31
N ASP A 140 34.28 -25.68 11.67
CA ASP A 140 34.85 -27.02 11.77
C ASP A 140 35.53 -27.28 13.11
N SER A 141 35.77 -26.23 13.91
CA SER A 141 36.49 -26.40 15.17
C SER A 141 35.92 -27.44 16.11
N GLU A 142 36.70 -27.77 17.14
CA GLU A 142 36.33 -28.80 18.11
C GLU A 142 35.43 -28.21 19.18
N ASP A 143 35.94 -27.20 19.90
CA ASP A 143 35.21 -26.72 21.05
C ASP A 143 33.81 -26.26 20.62
N TYR A 144 32.81 -26.78 21.32
CA TYR A 144 31.41 -26.52 20.96
C TYR A 144 31.14 -25.03 20.87
N ASN A 145 31.39 -24.30 21.97
CA ASN A 145 31.13 -22.86 22.02
C ASN A 145 31.75 -22.10 20.85
N THR A 146 32.93 -22.52 20.39
CA THR A 146 33.57 -21.82 19.27
C THR A 146 32.71 -21.95 18.02
N CYS A 147 32.27 -23.17 17.71
CA CYS A 147 31.43 -23.39 16.54
C CYS A 147 30.07 -22.72 16.69
N GLU A 148 29.44 -22.83 17.87
CA GLU A 148 28.19 -22.08 18.12
C GLU A 148 28.37 -20.58 17.87
N GLY A 149 29.41 -19.97 18.45
CA GLY A 149 29.63 -18.54 18.28
C GLY A 149 29.83 -18.14 16.83
N ALA A 150 30.61 -18.94 16.09
CA ALA A 150 30.81 -18.60 14.68
C ALA A 150 29.50 -18.72 13.90
N PHE A 151 28.75 -19.81 14.10
CA PHE A 151 27.46 -19.94 13.44
C PHE A 151 26.54 -18.79 13.81
N GLY A 152 26.46 -18.44 15.09
CA GLY A 152 25.63 -17.31 15.51
C GLY A 152 25.99 -16.05 14.73
N ALA A 153 27.29 -15.81 14.56
CA ALA A 153 27.74 -14.65 13.80
C ALA A 153 27.30 -14.75 12.34
N LEU A 154 27.59 -15.88 11.68
CA LEU A 154 27.17 -16.07 10.29
C LEU A 154 25.67 -15.87 10.12
N GLN A 155 24.88 -16.48 10.98
CA GLN A 155 23.44 -16.31 10.88
C GLN A 155 23.08 -14.84 10.86
N LYS A 156 23.59 -14.08 11.84
CA LYS A 156 23.28 -12.65 11.87
C LYS A 156 23.76 -11.94 10.60
N ILE A 157 24.96 -12.29 10.13
CA ILE A 157 25.46 -11.67 8.91
C ILE A 157 24.55 -11.97 7.72
N CYS A 158 24.18 -13.24 7.51
CA CYS A 158 23.26 -13.58 6.43
C CYS A 158 21.93 -12.86 6.58
N GLU A 159 21.50 -12.63 7.82
CA GLU A 159 20.23 -11.94 8.04
C GLU A 159 20.31 -10.48 7.58
N ASP A 160 21.30 -9.70 8.07
CA ASP A 160 21.23 -8.32 7.57
C ASP A 160 22.00 -8.07 6.29
N SER A 161 23.00 -8.87 5.97
CA SER A 161 23.80 -8.69 4.77
C SER A 161 23.32 -9.54 3.59
N ALA A 162 22.10 -10.00 3.74
CA ALA A 162 21.43 -10.96 2.85
C ALA A 162 21.80 -10.75 1.40
N GLU A 163 21.31 -9.64 0.85
CA GLU A 163 21.54 -9.36 -0.54
C GLU A 163 22.94 -8.87 -0.79
N ILE A 164 23.92 -9.22 0.06
CA ILE A 164 25.23 -8.65 -0.35
C ILE A 164 26.20 -9.77 -0.60
N LEU A 165 25.90 -10.95 -0.09
CA LEU A 165 26.78 -12.08 -0.34
C LEU A 165 26.32 -12.73 -1.66
N ASP A 166 25.13 -12.38 -2.13
CA ASP A 166 24.59 -12.89 -3.41
C ASP A 166 24.88 -11.81 -4.45
N SER A 167 26.12 -11.43 -4.59
CA SER A 167 26.50 -10.40 -5.50
C SER A 167 27.97 -10.44 -5.74
N ASP A 168 28.42 -9.55 -6.61
CA ASP A 168 29.83 -9.51 -6.98
C ASP A 168 30.62 -8.51 -6.21
N VAL A 169 30.08 -8.06 -5.08
CA VAL A 169 30.77 -7.12 -4.24
C VAL A 169 32.00 -7.78 -3.70
N LEU A 170 31.85 -9.05 -3.30
CA LEU A 170 32.96 -9.85 -2.82
C LEU A 170 33.23 -10.75 -4.01
N ASP A 171 33.26 -12.06 -3.81
CA ASP A 171 33.44 -12.92 -4.94
C ASP A 171 32.87 -14.22 -4.55
N ARG A 172 31.56 -14.23 -4.54
CA ARG A 172 30.80 -15.41 -4.28
C ARG A 172 31.23 -16.20 -3.08
N PRO A 173 30.95 -15.69 -1.90
CA PRO A 173 31.27 -16.47 -0.72
C PRO A 173 30.22 -17.50 -0.46
N LEU A 174 29.03 -17.25 -0.97
CA LEU A 174 27.96 -18.17 -0.83
C LEU A 174 28.32 -19.47 -1.48
N ASN A 175 29.02 -19.44 -2.61
CA ASN A 175 29.35 -20.70 -3.28
C ASN A 175 30.22 -21.58 -2.42
N ILE A 176 30.63 -21.08 -1.27
CA ILE A 176 31.43 -21.81 -0.30
C ILE A 176 30.60 -22.01 0.95
N MET A 177 29.94 -20.94 1.41
CA MET A 177 29.20 -21.00 2.66
C MET A 177 28.00 -21.96 2.59
N ILE A 178 27.13 -21.79 1.60
CA ILE A 178 25.91 -22.60 1.52
C ILE A 178 26.16 -24.11 1.49
N PRO A 179 26.98 -24.63 0.58
CA PRO A 179 27.25 -26.08 0.65
C PRO A 179 27.91 -26.50 1.94
N LYS A 180 28.28 -25.57 2.81
CA LYS A 180 28.98 -26.01 4.01
C LYS A 180 28.01 -26.08 5.15
N PHE A 181 26.99 -25.20 5.03
CA PHE A 181 25.94 -25.17 6.00
C PHE A 181 25.18 -26.47 5.87
N LEU A 182 24.90 -26.87 4.62
CA LEU A 182 24.04 -28.04 4.49
C LEU A 182 24.66 -29.29 5.12
N GLN A 183 25.97 -29.28 5.40
CA GLN A 183 26.61 -30.37 6.12
C GLN A 183 26.21 -30.45 7.59
N PHE A 184 25.80 -29.33 8.19
CA PHE A 184 25.50 -29.24 9.62
C PHE A 184 24.04 -29.47 9.94
N PHE A 185 23.22 -29.75 8.95
CA PHE A 185 21.82 -30.07 9.31
C PHE A 185 21.83 -31.37 10.08
N LYS A 186 22.83 -32.20 9.81
CA LYS A 186 22.93 -33.52 10.48
C LYS A 186 23.65 -33.38 11.81
N HIS A 187 24.16 -32.20 12.13
CA HIS A 187 24.87 -31.97 13.41
C HIS A 187 24.06 -32.45 14.61
N SER A 188 24.78 -33.00 15.56
CA SER A 188 24.22 -33.55 16.80
C SER A 188 23.51 -32.52 17.68
N SER A 189 23.92 -31.22 17.64
CA SER A 189 23.28 -30.30 18.59
C SER A 189 22.15 -29.49 17.95
N PRO A 190 21.03 -29.38 18.68
CA PRO A 190 19.87 -28.65 18.16
C PRO A 190 20.20 -27.21 17.76
N LYS A 191 20.95 -26.49 18.62
CA LYS A 191 21.32 -25.11 18.31
C LYS A 191 21.99 -25.00 16.95
N ILE A 192 22.97 -25.88 16.69
CA ILE A 192 23.74 -25.78 15.44
C ILE A 192 22.84 -26.12 14.26
N ARG A 193 22.01 -27.15 14.38
CA ARG A 193 21.06 -27.46 13.30
C ARG A 193 20.25 -26.20 12.96
N SER A 194 19.67 -25.57 14.00
CA SER A 194 18.88 -24.36 13.79
C SER A 194 19.68 -23.32 13.02
N HIS A 195 20.90 -23.02 13.50
CA HIS A 195 21.73 -22.05 12.81
C HIS A 195 21.87 -22.41 11.33
N ALA A 196 22.25 -23.66 11.05
CA ALA A 196 22.42 -24.12 9.67
C ALA A 196 21.20 -23.84 8.80
N VAL A 197 20.02 -24.26 9.28
CA VAL A 197 18.81 -24.07 8.49
C VAL A 197 18.48 -22.59 8.35
N ALA A 198 18.50 -21.85 9.47
CA ALA A 198 18.19 -20.43 9.43
C ALA A 198 19.09 -19.67 8.48
N CYS A 199 20.34 -20.11 8.36
CA CYS A 199 21.29 -19.52 7.43
C CYS A 199 20.86 -19.78 5.99
N VAL A 200 20.81 -21.06 5.61
CA VAL A 200 20.37 -21.42 4.25
C VAL A 200 19.08 -20.67 3.87
N ASN A 201 18.09 -20.66 4.76
CA ASN A 201 16.78 -20.04 4.50
C ASN A 201 16.87 -18.61 3.94
N GLN A 202 17.92 -17.88 4.26
CA GLN A 202 18.02 -16.50 3.79
C GLN A 202 18.13 -16.40 2.28
N PHE A 203 18.40 -17.51 1.59
CA PHE A 203 18.75 -17.48 0.18
C PHE A 203 17.79 -18.27 -0.71
N ILE A 204 16.55 -18.50 -0.23
CA ILE A 204 15.57 -19.25 -1.02
C ILE A 204 14.90 -18.31 -2.02
N ILE A 205 14.23 -17.26 -1.52
CA ILE A 205 13.45 -16.45 -2.47
C ILE A 205 14.37 -15.73 -3.44
N SER A 206 15.63 -15.50 -3.05
CA SER A 206 16.56 -14.90 -3.99
C SER A 206 16.93 -15.85 -5.11
N ARG A 207 16.59 -17.14 -4.98
CA ARG A 207 16.93 -18.17 -5.95
C ARG A 207 18.45 -18.20 -6.12
N THR A 208 19.16 -18.24 -4.99
CA THR A 208 20.61 -18.07 -5.01
C THR A 208 21.25 -19.32 -5.61
N GLN A 209 21.91 -19.16 -6.76
CA GLN A 209 22.65 -20.19 -7.50
C GLN A 209 23.29 -21.25 -6.61
N ALA A 210 24.14 -20.85 -5.66
CA ALA A 210 24.80 -21.82 -4.80
C ALA A 210 23.79 -22.76 -4.14
N LEU A 211 22.59 -22.28 -3.84
CA LEU A 211 21.60 -23.14 -3.20
C LEU A 211 20.83 -23.93 -4.26
N MET A 212 20.42 -23.24 -5.33
CA MET A 212 19.63 -23.86 -6.39
C MET A 212 20.35 -25.06 -7.02
N LEU A 213 21.67 -25.03 -7.07
CA LEU A 213 22.35 -26.19 -7.62
C LEU A 213 22.71 -27.21 -6.54
N HIS A 214 22.14 -27.07 -5.33
CA HIS A 214 22.33 -28.05 -4.27
C HIS A 214 20.96 -28.39 -3.70
N ILE A 215 19.90 -27.93 -4.36
CA ILE A 215 18.54 -28.00 -3.85
C ILE A 215 18.14 -29.42 -3.49
N ASP A 216 18.62 -30.40 -4.26
CA ASP A 216 18.27 -31.79 -4.02
C ASP A 216 18.75 -32.24 -2.65
N SER A 217 19.99 -31.89 -2.33
CA SER A 217 20.61 -32.23 -1.05
C SER A 217 19.90 -31.46 0.06
N PHE A 218 19.57 -30.20 -0.22
CA PHE A 218 18.84 -29.34 0.72
C PHE A 218 17.54 -30.01 1.13
N ILE A 219 16.65 -30.23 0.16
CA ILE A 219 15.34 -30.83 0.42
C ILE A 219 15.47 -32.15 1.18
N GLU A 220 16.46 -32.95 0.79
CA GLU A 220 16.71 -34.24 1.43
C GLU A 220 17.02 -34.06 2.91
N ASN A 221 17.90 -33.11 3.23
CA ASN A 221 18.28 -32.84 4.61
C ASN A 221 17.12 -32.23 5.39
N LEU A 222 16.30 -31.41 4.74
CA LEU A 222 15.07 -30.93 5.37
C LEU A 222 14.16 -32.10 5.78
N PHE A 223 13.87 -33.02 4.84
CA PHE A 223 13.03 -34.16 5.19
C PHE A 223 13.63 -34.96 6.33
N ALA A 224 14.94 -35.21 6.28
CA ALA A 224 15.62 -35.92 7.36
C ALA A 224 15.36 -35.29 8.72
N LEU A 225 15.01 -34.00 8.72
CA LEU A 225 14.77 -33.23 9.94
C LEU A 225 13.31 -33.21 10.40
N ALA A 226 12.35 -33.50 9.52
CA ALA A 226 10.92 -33.49 9.84
C ALA A 226 10.57 -34.10 11.20
N GLY A 227 11.22 -35.20 11.55
CA GLY A 227 10.97 -35.90 12.81
C GLY A 227 11.50 -35.20 14.03
N ASP A 228 12.18 -34.07 13.88
CA ASP A 228 12.80 -33.39 14.99
C ASP A 228 11.74 -32.66 15.77
N GLU A 229 11.82 -32.78 17.10
CA GLU A 229 10.85 -32.27 18.06
C GLU A 229 11.34 -30.99 18.74
N GLU A 230 12.56 -30.56 18.43
CA GLU A 230 13.08 -29.31 18.98
C GLU A 230 12.45 -28.11 18.31
N PRO A 231 11.70 -27.28 19.04
CA PRO A 231 10.93 -26.20 18.41
C PRO A 231 11.70 -25.34 17.41
N GLU A 232 12.90 -24.85 17.77
CA GLU A 232 13.64 -24.00 16.86
C GLU A 232 13.93 -24.64 15.49
N VAL A 233 14.28 -25.94 15.49
CA VAL A 233 14.50 -26.64 14.22
C VAL A 233 13.17 -26.86 13.48
N ARG A 234 12.12 -27.31 14.18
CA ARG A 234 10.81 -27.45 13.52
C ARG A 234 10.39 -26.13 12.86
N LYS A 235 10.47 -25.03 13.62
CA LYS A 235 10.15 -23.70 13.09
C LYS A 235 10.93 -23.41 11.81
N ASN A 236 12.24 -23.66 11.84
CA ASN A 236 13.05 -23.35 10.66
C ASN A 236 12.75 -24.28 9.49
N VAL A 237 12.57 -25.59 9.72
CA VAL A 237 12.15 -26.49 8.65
C VAL A 237 10.84 -25.99 8.03
N CYS A 238 9.87 -25.65 8.88
CA CYS A 238 8.59 -25.12 8.42
C CYS A 238 8.79 -23.93 7.49
N ARG A 239 9.66 -22.99 7.90
CA ARG A 239 9.80 -21.80 7.07
C ARG A 239 10.59 -22.10 5.81
N ALA A 240 11.44 -23.13 5.86
CA ALA A 240 12.08 -23.64 4.66
C ALA A 240 11.05 -24.09 3.65
N LEU A 241 10.18 -25.02 4.06
CA LEU A 241 9.17 -25.53 3.15
C LEU A 241 8.28 -24.42 2.60
N VAL A 242 7.84 -23.50 3.46
CA VAL A 242 7.01 -22.39 2.99
C VAL A 242 7.71 -21.61 1.88
N MET A 243 8.96 -21.22 2.11
CA MET A 243 9.66 -20.43 1.09
C MET A 243 9.88 -21.25 -0.17
N LEU A 244 10.34 -22.49 0.00
CA LEU A 244 10.56 -23.41 -1.12
C LEU A 244 9.32 -23.53 -2.00
N LEU A 245 8.14 -23.56 -1.37
CA LEU A 245 6.89 -23.65 -2.12
C LEU A 245 6.71 -22.51 -3.10
N GLU A 246 7.24 -21.33 -2.78
CA GLU A 246 7.05 -20.14 -3.62
C GLU A 246 7.96 -20.13 -4.85
N VAL A 247 9.13 -20.76 -4.77
CA VAL A 247 10.12 -20.57 -5.83
C VAL A 247 10.59 -21.88 -6.47
N ARG A 248 10.62 -22.96 -5.69
CA ARG A 248 11.03 -24.21 -6.32
C ARG A 248 9.90 -25.25 -6.19
N MET A 249 8.70 -24.93 -6.69
CA MET A 249 7.55 -25.84 -6.63
C MET A 249 7.81 -27.22 -7.22
N ASP A 250 8.30 -27.26 -8.48
CA ASP A 250 8.64 -28.50 -9.17
C ASP A 250 9.29 -29.56 -8.29
N ARG A 251 10.28 -29.14 -7.52
CA ARG A 251 11.10 -30.08 -6.76
C ARG A 251 10.27 -30.71 -5.65
N LEU A 252 9.21 -30.03 -5.22
CA LEU A 252 8.38 -30.50 -4.13
C LEU A 252 7.15 -31.33 -4.51
N LEU A 253 6.59 -31.12 -5.70
CA LEU A 253 5.38 -31.91 -6.06
C LEU A 253 5.42 -33.39 -5.65
N PRO A 254 6.43 -34.20 -6.12
CA PRO A 254 6.45 -35.64 -5.78
C PRO A 254 6.32 -36.03 -4.30
N HIS A 255 6.49 -35.07 -3.39
CA HIS A 255 6.40 -35.35 -1.96
C HIS A 255 5.28 -34.54 -1.32
N MET A 256 4.48 -33.90 -2.16
CA MET A 256 3.44 -32.99 -1.69
C MET A 256 2.48 -33.60 -0.67
N HIS A 257 2.00 -34.83 -0.89
CA HIS A 257 1.11 -35.45 0.10
C HIS A 257 1.74 -35.50 1.49
N ASN A 258 2.96 -36.03 1.58
CA ASN A 258 3.61 -36.09 2.88
C ASN A 258 3.89 -34.70 3.44
N ILE A 259 4.15 -33.72 2.57
CA ILE A 259 4.42 -32.37 3.05
C ILE A 259 3.16 -31.74 3.63
N VAL A 260 2.06 -31.71 2.86
CA VAL A 260 0.78 -31.24 3.40
C VAL A 260 0.41 -31.98 4.69
N GLU A 261 0.60 -33.30 4.75
CA GLU A 261 0.30 -34.00 5.99
C GLU A 261 1.14 -33.43 7.12
N TYR A 262 2.43 -33.20 6.86
CA TYR A 262 3.33 -32.68 7.87
C TYR A 262 2.88 -31.29 8.31
N MET A 263 2.69 -30.39 7.34
CA MET A 263 2.31 -29.00 7.63
C MET A 263 0.97 -28.93 8.37
N LEU A 264 0.00 -29.74 7.96
CA LEU A 264 -1.28 -29.77 8.67
C LEU A 264 -1.08 -30.23 10.10
N GLN A 265 -0.17 -31.18 10.33
CA GLN A 265 0.17 -31.57 11.69
C GLN A 265 0.76 -30.40 12.47
N ARG A 266 1.78 -29.74 11.91
CA ARG A 266 2.46 -28.63 12.57
C ARG A 266 1.56 -27.44 12.83
N THR A 267 0.62 -27.16 11.92
CA THR A 267 -0.32 -26.08 12.12
C THR A 267 -1.11 -26.26 13.41
N GLN A 268 -1.28 -27.51 13.86
CA GLN A 268 -2.01 -27.82 15.07
C GLN A 268 -1.07 -27.98 16.26
N ASP A 269 0.21 -27.72 16.07
CA ASP A 269 1.15 -27.84 17.18
C ASP A 269 0.71 -26.88 18.27
N GLN A 270 0.81 -27.32 19.53
CA GLN A 270 0.47 -26.42 20.64
C GLN A 270 1.50 -25.32 20.80
N ASP A 271 2.74 -25.52 20.35
CA ASP A 271 3.67 -24.39 20.39
C ASP A 271 3.29 -23.47 19.23
N GLU A 272 2.69 -22.36 19.64
CA GLU A 272 2.15 -21.29 18.80
C GLU A 272 3.14 -20.81 17.76
N ASN A 273 4.43 -20.78 18.12
CA ASN A 273 5.44 -20.24 17.19
C ASN A 273 5.68 -21.22 16.05
N VAL A 274 5.75 -22.51 16.36
CA VAL A 274 5.84 -23.52 15.31
C VAL A 274 4.61 -23.41 14.40
N ALA A 275 3.43 -23.43 15.03
CA ALA A 275 2.14 -23.39 14.35
C ALA A 275 2.04 -22.21 13.39
N LEU A 276 2.49 -21.02 13.78
CA LEU A 276 2.43 -19.86 12.90
C LEU A 276 3.24 -20.06 11.61
N GLU A 277 4.46 -20.57 11.74
CA GLU A 277 5.24 -20.83 10.53
C GLU A 277 4.57 -21.89 9.68
N ALA A 278 4.02 -22.90 10.33
CA ALA A 278 3.28 -23.91 9.57
C ALA A 278 2.10 -23.29 8.83
N CYS A 279 1.31 -22.47 9.54
CA CYS A 279 0.12 -21.86 8.97
C CYS A 279 0.44 -21.01 7.74
N GLU A 280 1.65 -20.46 7.66
CA GLU A 280 2.00 -19.70 6.44
C GLU A 280 1.94 -20.57 5.18
N PHE A 281 2.13 -21.88 5.33
CA PHE A 281 2.08 -22.79 4.20
C PHE A 281 0.74 -22.66 3.46
N TRP A 282 -0.37 -22.54 4.21
CA TRP A 282 -1.68 -22.51 3.56
C TRP A 282 -1.82 -21.19 2.81
N LEU A 283 -1.32 -20.09 3.39
CA LEU A 283 -1.37 -18.80 2.70
C LEU A 283 -0.66 -18.84 1.38
N THR A 284 0.56 -19.34 1.36
CA THR A 284 1.23 -19.24 0.07
C THR A 284 0.78 -20.34 -0.89
N LEU A 285 0.44 -21.52 -0.39
CA LEU A 285 -0.18 -22.54 -1.24
C LEU A 285 -1.45 -22.07 -1.93
N ALA A 286 -2.30 -21.30 -1.25
CA ALA A 286 -3.54 -20.86 -1.89
C ALA A 286 -3.34 -19.94 -3.11
N GLU A 287 -2.14 -19.42 -3.30
CA GLU A 287 -1.81 -18.58 -4.44
C GLU A 287 -1.37 -19.38 -5.66
N GLN A 288 -0.94 -20.62 -5.48
CA GLN A 288 -0.49 -21.47 -6.59
C GLN A 288 -1.71 -22.05 -7.32
N PRO A 289 -1.65 -22.10 -8.65
CA PRO A 289 -2.78 -22.64 -9.43
C PRO A 289 -3.06 -24.11 -9.18
N ILE A 290 -2.09 -24.84 -8.64
CA ILE A 290 -2.23 -26.27 -8.39
C ILE A 290 -2.86 -26.57 -7.01
N CYS A 291 -3.37 -25.53 -6.35
CA CYS A 291 -3.89 -25.64 -4.98
C CYS A 291 -5.01 -26.67 -4.82
N LYS A 292 -6.09 -26.54 -5.59
CA LYS A 292 -7.21 -27.49 -5.49
C LYS A 292 -6.73 -28.93 -5.57
N ASP A 293 -5.92 -29.23 -6.58
CA ASP A 293 -5.43 -30.59 -6.78
C ASP A 293 -4.66 -31.11 -5.56
N VAL A 294 -3.86 -30.25 -4.93
CA VAL A 294 -2.97 -30.74 -3.87
C VAL A 294 -3.67 -31.02 -2.54
N LEU A 295 -4.74 -30.27 -2.23
CA LEU A 295 -5.45 -30.43 -0.97
C LEU A 295 -6.72 -31.31 -0.96
N VAL A 296 -7.02 -31.98 -2.07
CA VAL A 296 -8.19 -32.84 -2.17
C VAL A 296 -8.34 -33.82 -1.00
N ARG A 297 -7.23 -34.34 -0.47
CA ARG A 297 -7.31 -35.31 0.62
C ARG A 297 -7.37 -34.65 1.99
N HIS A 298 -7.17 -33.34 2.07
CA HIS A 298 -6.91 -32.68 3.34
C HIS A 298 -7.80 -31.49 3.62
N LEU A 299 -8.36 -30.87 2.59
CA LEU A 299 -9.27 -29.74 2.78
C LEU A 299 -10.28 -29.95 3.90
N PRO A 300 -10.96 -31.12 4.03
CA PRO A 300 -11.94 -31.28 5.12
C PRO A 300 -11.38 -31.05 6.51
N LYS A 301 -10.12 -31.43 6.74
CA LYS A 301 -9.45 -31.15 8.01
C LYS A 301 -8.88 -29.75 8.07
N LEU A 302 -8.39 -29.25 6.93
CA LEU A 302 -7.74 -27.95 6.93
C LEU A 302 -8.69 -26.87 7.41
N ILE A 303 -9.92 -26.85 6.87
CA ILE A 303 -10.88 -25.79 7.26
C ILE A 303 -11.13 -25.71 8.76
N PRO A 304 -11.47 -26.78 9.47
CA PRO A 304 -11.69 -26.66 10.93
C PRO A 304 -10.44 -26.25 11.70
N VAL A 305 -9.27 -26.68 11.26
CA VAL A 305 -8.03 -26.31 11.93
C VAL A 305 -7.79 -24.82 11.83
N LEU A 306 -7.94 -24.25 10.63
CA LEU A 306 -7.86 -22.81 10.43
C LEU A 306 -8.90 -22.06 11.28
N VAL A 307 -10.17 -22.49 11.18
CA VAL A 307 -11.24 -21.84 11.94
C VAL A 307 -10.90 -21.84 13.42
N ASN A 308 -10.28 -22.92 13.89
CA ASN A 308 -10.04 -23.03 15.31
C ASN A 308 -8.90 -22.11 15.71
N GLY A 309 -7.87 -22.02 14.86
CA GLY A 309 -6.78 -21.07 15.08
C GLY A 309 -7.20 -19.60 14.96
N MET A 310 -8.44 -19.33 14.56
CA MET A 310 -8.86 -17.95 14.41
C MET A 310 -9.44 -17.37 15.69
N LYS A 311 -9.55 -18.16 16.75
CA LYS A 311 -9.91 -17.62 18.06
C LYS A 311 -8.77 -16.77 18.59
N TYR A 312 -9.11 -15.70 19.32
CA TYR A 312 -8.08 -14.97 20.04
C TYR A 312 -7.32 -15.93 20.94
N SER A 313 -6.00 -15.74 21.04
CA SER A 313 -5.24 -16.54 21.98
C SER A 313 -5.57 -16.08 23.40
N ASP A 314 -5.27 -16.94 24.36
CA ASP A 314 -5.53 -16.63 25.76
C ASP A 314 -4.81 -15.36 26.22
N ILE A 315 -3.56 -15.19 25.78
CA ILE A 315 -2.80 -13.99 26.16
C ILE A 315 -3.43 -12.75 25.55
N ASP A 316 -3.79 -12.81 24.27
CA ASP A 316 -4.45 -11.66 23.66
C ASP A 316 -5.78 -11.32 24.32
N ILE A 317 -6.56 -12.34 24.66
CA ILE A 317 -7.80 -12.12 25.42
C ILE A 317 -7.50 -11.32 26.68
N ILE A 318 -6.47 -11.71 27.42
CA ILE A 318 -6.13 -11.02 28.67
C ILE A 318 -5.62 -9.59 28.39
N LEU A 319 -4.73 -9.43 27.41
CA LEU A 319 -4.22 -8.10 27.08
C LEU A 319 -5.36 -7.16 26.69
N LEU A 320 -6.26 -7.62 25.83
CA LEU A 320 -7.34 -6.78 25.31
C LEU A 320 -8.36 -6.47 26.40
N LYS A 321 -8.33 -7.23 27.54
CA LYS A 321 -9.08 -7.08 28.80
C LYS A 321 -8.67 -5.86 29.60
N GLY A 322 -7.83 -4.97 29.10
CA GLY A 322 -7.40 -3.81 29.86
C GLY A 322 -5.94 -3.47 29.66
N SER A 349 -1.04 -5.85 17.32
CA SER A 349 -0.45 -7.03 17.96
C SER A 349 0.39 -7.82 16.96
N ASP A 350 0.48 -7.32 15.73
CA ASP A 350 1.26 -7.98 14.69
C ASP A 350 0.82 -9.38 14.26
N TRP A 351 1.58 -9.97 13.37
CA TRP A 351 1.22 -11.26 12.84
C TRP A 351 1.18 -12.31 13.90
N ASN A 352 0.09 -13.06 13.96
CA ASN A 352 -0.02 -14.16 14.90
C ASN A 352 -0.81 -15.29 14.24
N LEU A 353 -0.98 -16.40 14.97
CA LEU A 353 -1.71 -17.54 14.42
C LEU A 353 -3.10 -17.18 13.90
N ARG A 354 -3.82 -16.39 14.69
CA ARG A 354 -5.18 -15.98 14.33
C ARG A 354 -5.24 -15.17 13.04
N LYS A 355 -4.30 -14.24 12.86
CA LYS A 355 -4.29 -13.41 11.66
C LYS A 355 -3.88 -14.26 10.46
N CYS A 356 -2.92 -15.15 10.65
CA CYS A 356 -2.49 -16.00 9.54
C CYS A 356 -3.65 -16.90 9.10
N SER A 357 -4.28 -17.56 10.07
CA SER A 357 -5.43 -18.41 9.78
C SER A 357 -6.53 -17.65 9.04
N ALA A 358 -6.87 -16.46 9.52
CA ALA A 358 -7.91 -15.67 8.85
C ALA A 358 -7.51 -15.30 7.43
N ALA A 359 -6.25 -14.90 7.22
CA ALA A 359 -5.82 -14.61 5.85
C ALA A 359 -5.88 -15.85 4.97
N ALA A 360 -5.51 -17.01 5.52
CA ALA A 360 -5.53 -18.23 4.73
C ALA A 360 -6.96 -18.60 4.35
N LEU A 361 -7.89 -18.46 5.29
CA LEU A 361 -9.28 -18.75 4.99
C LEU A 361 -9.81 -17.80 3.93
N ASP A 362 -9.47 -16.50 4.02
CA ASP A 362 -9.88 -15.52 3.02
C ASP A 362 -9.44 -15.93 1.62
N VAL A 363 -8.17 -16.28 1.47
CA VAL A 363 -7.70 -16.64 0.13
C VAL A 363 -8.32 -17.96 -0.33
N LEU A 364 -8.36 -18.97 0.54
CA LEU A 364 -8.98 -20.23 0.15
C LEU A 364 -10.43 -20.03 -0.28
N ALA A 365 -11.18 -19.19 0.43
CA ALA A 365 -12.52 -18.84 -0.03
C ALA A 365 -12.47 -18.26 -1.44
N ASN A 366 -11.48 -17.43 -1.74
CA ASN A 366 -11.43 -16.94 -3.12
C ASN A 366 -11.05 -18.01 -4.14
N VAL A 367 -10.27 -19.02 -3.74
CA VAL A 367 -9.99 -20.13 -4.66
C VAL A 367 -11.22 -21.02 -4.85
N TYR A 368 -11.78 -21.50 -3.75
CA TYR A 368 -12.83 -22.50 -3.82
C TYR A 368 -14.22 -21.89 -4.04
N ARG A 369 -14.41 -20.61 -3.75
CA ARG A 369 -15.73 -20.00 -3.99
C ARG A 369 -16.88 -20.70 -3.26
N ASP A 370 -17.93 -21.09 -4.01
CA ASP A 370 -19.07 -21.74 -3.39
C ASP A 370 -18.80 -23.18 -2.98
N GLU A 371 -17.73 -23.77 -3.52
CA GLU A 371 -17.39 -25.13 -3.09
C GLU A 371 -17.00 -25.18 -1.63
N LEU A 372 -16.64 -24.05 -1.03
CA LEU A 372 -16.20 -24.05 0.36
C LEU A 372 -17.38 -24.11 1.32
N LEU A 373 -18.54 -23.65 0.87
CA LEU A 373 -19.67 -23.46 1.78
C LEU A 373 -20.10 -24.73 2.53
N PRO A 374 -20.10 -25.94 1.93
CA PRO A 374 -20.43 -27.12 2.74
C PRO A 374 -19.41 -27.43 3.83
N HIS A 375 -18.14 -27.09 3.62
CA HIS A 375 -17.15 -27.17 4.69
C HIS A 375 -17.44 -26.13 5.76
N ILE A 376 -17.95 -24.97 5.38
CA ILE A 376 -17.93 -23.88 6.31
C ILE A 376 -19.26 -23.66 7.05
N LEU A 377 -20.40 -23.97 6.43
CA LEU A 377 -21.68 -23.70 7.08
C LEU A 377 -21.88 -24.49 8.37
N PRO A 378 -21.47 -25.76 8.49
CA PRO A 378 -21.62 -26.44 9.78
C PRO A 378 -20.80 -25.84 10.92
N LEU A 379 -19.59 -25.38 10.64
CA LEU A 379 -18.82 -24.66 11.66
C LEU A 379 -19.50 -23.34 12.04
N LEU A 380 -19.97 -22.58 11.04
CA LEU A 380 -20.63 -21.31 11.36
C LEU A 380 -21.87 -21.51 12.21
N LYS A 381 -22.64 -22.55 11.90
CA LYS A 381 -23.85 -22.84 12.65
C LYS A 381 -23.53 -22.99 14.13
N GLU A 382 -22.49 -23.76 14.44
CA GLU A 382 -22.08 -23.97 15.83
C GLU A 382 -21.36 -22.78 16.45
N LEU A 383 -20.82 -21.86 15.65
CA LEU A 383 -20.04 -20.74 16.22
C LEU A 383 -20.86 -19.46 16.39
N LEU A 384 -21.69 -19.09 15.41
CA LEU A 384 -22.33 -17.78 15.37
C LEU A 384 -23.29 -17.53 16.53
N PHE A 385 -23.74 -18.55 17.23
CA PHE A 385 -24.80 -18.37 18.22
C PHE A 385 -24.33 -18.86 19.57
N HIS A 386 -23.10 -19.35 19.62
CA HIS A 386 -22.49 -19.92 20.81
C HIS A 386 -22.56 -18.95 21.99
N HIS A 387 -22.62 -19.51 23.19
CA HIS A 387 -22.78 -18.75 24.42
C HIS A 387 -21.46 -18.23 24.98
N GLU A 388 -20.33 -18.78 24.53
CA GLU A 388 -19.01 -18.29 24.90
C GLU A 388 -18.57 -17.22 23.89
N TRP A 389 -18.37 -15.99 24.39
CA TRP A 389 -18.08 -14.86 23.52
C TRP A 389 -16.86 -15.07 22.63
N VAL A 390 -15.78 -15.67 23.14
CA VAL A 390 -14.63 -15.96 22.26
C VAL A 390 -15.04 -16.81 21.06
N VAL A 391 -15.83 -17.85 21.28
CA VAL A 391 -16.24 -18.71 20.17
C VAL A 391 -17.11 -17.95 19.18
N LYS A 392 -18.11 -17.21 19.69
CA LYS A 392 -18.97 -16.42 18.82
C LYS A 392 -18.15 -15.43 18.01
N GLU A 393 -17.23 -14.73 18.67
CA GLU A 393 -16.38 -13.76 18.00
C GLU A 393 -15.63 -14.40 16.84
N SER A 394 -15.03 -15.56 17.08
CA SER A 394 -14.30 -16.20 15.98
C SER A 394 -15.26 -16.50 14.85
N GLY A 395 -16.50 -16.91 15.18
CA GLY A 395 -17.48 -17.21 14.14
C GLY A 395 -17.78 -16.00 13.27
N ILE A 396 -17.97 -14.84 13.90
CA ILE A 396 -18.26 -13.62 13.13
C ILE A 396 -17.09 -13.26 12.25
N LEU A 397 -15.87 -13.41 12.77
CA LEU A 397 -14.68 -13.19 11.96
C LEU A 397 -14.71 -14.10 10.74
N VAL A 398 -14.86 -15.43 10.95
CA VAL A 398 -14.98 -16.38 9.85
C VAL A 398 -15.99 -15.90 8.81
N LEU A 399 -17.17 -15.49 9.29
CA LEU A 399 -18.24 -15.04 8.39
C LEU A 399 -17.75 -13.86 7.56
N GLY A 400 -16.97 -12.96 8.16
CA GLY A 400 -16.43 -11.84 7.41
C GLY A 400 -15.33 -12.24 6.43
N ALA A 401 -14.37 -13.05 6.88
CA ALA A 401 -13.24 -13.49 6.04
C ALA A 401 -13.70 -14.09 4.71
N ILE A 402 -14.72 -14.93 4.73
CA ILE A 402 -15.15 -15.65 3.53
C ILE A 402 -16.04 -14.81 2.62
N ALA A 403 -16.46 -13.61 3.06
CA ALA A 403 -17.44 -12.80 2.34
C ALA A 403 -17.10 -12.62 0.86
N GLU A 404 -15.85 -12.29 0.57
CA GLU A 404 -15.46 -12.01 -0.81
C GLU A 404 -15.53 -13.27 -1.67
N GLY A 405 -14.87 -14.34 -1.23
CA GLY A 405 -14.89 -15.58 -1.99
C GLY A 405 -16.27 -16.19 -2.17
N CYS A 406 -17.08 -16.21 -1.10
CA CYS A 406 -18.30 -17.00 -1.06
C CYS A 406 -19.57 -16.17 -1.19
N MET A 407 -19.46 -14.93 -1.67
CA MET A 407 -20.60 -14.02 -1.60
C MET A 407 -21.84 -14.61 -2.23
N GLN A 408 -21.72 -15.16 -3.44
CA GLN A 408 -22.90 -15.65 -4.13
C GLN A 408 -23.57 -16.75 -3.32
N GLY A 409 -22.79 -17.72 -2.86
CA GLY A 409 -23.35 -18.80 -2.06
C GLY A 409 -23.94 -18.37 -0.74
N MET A 410 -23.54 -17.22 -0.21
CA MET A 410 -24.02 -16.82 1.11
C MET A 410 -25.31 -16.01 1.00
N ILE A 411 -25.58 -15.42 -0.15
CA ILE A 411 -26.81 -14.65 -0.32
C ILE A 411 -28.03 -15.31 0.30
N PRO A 412 -28.34 -16.59 0.01
CA PRO A 412 -29.55 -17.21 0.62
C PRO A 412 -29.61 -17.07 2.13
N TYR A 413 -28.47 -17.09 2.83
CA TYR A 413 -28.43 -17.05 4.28
C TYR A 413 -28.41 -15.62 4.86
N LEU A 414 -28.21 -14.59 4.02
CA LEU A 414 -28.04 -13.25 4.56
C LEU A 414 -29.31 -12.68 5.18
N PRO A 415 -30.53 -12.97 4.68
CA PRO A 415 -31.72 -12.46 5.37
C PRO A 415 -31.81 -12.88 6.82
N GLU A 416 -31.14 -13.96 7.21
CA GLU A 416 -31.12 -14.28 8.64
C GLU A 416 -29.87 -13.70 9.31
N LEU A 417 -28.69 -13.90 8.71
CA LEU A 417 -27.43 -13.49 9.36
C LEU A 417 -27.34 -11.98 9.54
N ILE A 418 -27.70 -11.19 8.52
CA ILE A 418 -27.62 -9.74 8.66
C ILE A 418 -28.42 -9.22 9.85
N PRO A 419 -29.72 -9.50 10.00
CA PRO A 419 -30.42 -9.04 11.23
C PRO A 419 -29.74 -9.55 12.50
N HIS A 420 -29.13 -10.72 12.44
CA HIS A 420 -28.45 -11.29 13.59
C HIS A 420 -27.20 -10.48 13.95
N LEU A 421 -26.36 -10.19 12.94
CA LEU A 421 -25.22 -9.27 13.11
C LEU A 421 -25.65 -7.91 13.66
N ILE A 422 -26.68 -7.31 13.05
CA ILE A 422 -27.18 -6.04 13.58
C ILE A 422 -27.44 -6.16 15.08
N GLN A 423 -28.04 -7.27 15.52
CA GLN A 423 -28.24 -7.44 16.96
C GLN A 423 -26.91 -7.52 17.70
N CYS A 424 -25.94 -8.25 17.12
CA CYS A 424 -24.63 -8.39 17.76
C CYS A 424 -23.92 -7.05 17.94
N LEU A 425 -24.23 -6.05 17.10
CA LEU A 425 -23.63 -4.71 17.29
C LEU A 425 -23.85 -4.16 18.69
N SER A 426 -24.88 -4.60 19.40
CA SER A 426 -25.10 -4.15 20.78
C SER A 426 -24.81 -5.23 21.81
N ASP A 427 -24.05 -6.27 21.44
CA ASP A 427 -23.48 -7.24 22.39
C ASP A 427 -22.72 -6.56 23.53
N LYS A 428 -22.71 -7.19 24.70
CA LYS A 428 -22.09 -6.56 25.86
C LYS A 428 -20.57 -6.64 25.86
N LYS A 429 -19.97 -7.49 25.02
CA LYS A 429 -18.52 -7.59 24.86
C LYS A 429 -18.03 -6.72 23.70
N ALA A 430 -17.16 -5.75 24.03
CA ALA A 430 -16.64 -4.80 23.03
C ALA A 430 -16.06 -5.51 21.81
N LEU A 431 -15.27 -6.58 22.02
CA LEU A 431 -14.63 -7.30 20.92
C LEU A 431 -15.63 -7.98 19.98
N VAL A 432 -16.81 -8.30 20.47
CA VAL A 432 -17.87 -8.80 19.59
C VAL A 432 -18.44 -7.65 18.78
N ARG A 433 -18.70 -6.52 19.43
CA ARG A 433 -19.21 -5.34 18.73
C ARG A 433 -18.30 -4.95 17.57
N SER A 434 -17.00 -4.82 17.85
CA SER A 434 -16.05 -4.37 16.82
C SER A 434 -15.96 -5.36 15.66
N ILE A 435 -15.88 -6.66 15.96
CA ILE A 435 -15.77 -7.56 14.81
C ILE A 435 -17.06 -7.54 14.01
N THR A 436 -18.20 -7.31 14.67
CA THR A 436 -19.46 -7.27 13.93
C THR A 436 -19.47 -6.10 12.96
N CYS A 437 -19.03 -4.92 13.41
CA CYS A 437 -18.87 -3.74 12.53
C CYS A 437 -18.14 -4.15 11.26
N TRP A 438 -17.01 -4.81 11.43
CA TRP A 438 -16.23 -5.17 10.24
C TRP A 438 -16.97 -6.18 9.35
N THR A 439 -17.49 -7.26 9.93
CA THR A 439 -18.15 -8.28 9.10
C THR A 439 -19.32 -7.70 8.33
N LEU A 440 -20.18 -6.91 8.99
CA LEU A 440 -21.27 -6.24 8.28
C LEU A 440 -20.73 -5.42 7.10
N SER A 441 -19.66 -4.66 7.35
CA SER A 441 -19.12 -3.86 6.26
C SER A 441 -18.72 -4.75 5.08
N ARG A 442 -18.38 -6.02 5.36
CA ARG A 442 -18.01 -6.92 4.26
C ARG A 442 -19.22 -7.32 3.42
N TYR A 443 -20.45 -7.07 3.89
CA TYR A 443 -21.69 -7.42 3.18
C TYR A 443 -22.47 -6.16 2.82
N ALA A 444 -21.77 -5.04 2.81
CA ALA A 444 -22.42 -3.76 2.55
C ALA A 444 -23.08 -3.71 1.18
N HIS A 445 -22.44 -4.26 0.14
CA HIS A 445 -23.06 -4.25 -1.19
C HIS A 445 -24.44 -4.92 -1.17
N TRP A 446 -24.51 -6.13 -0.62
CA TRP A 446 -25.80 -6.80 -0.55
C TRP A 446 -26.79 -5.93 0.23
N VAL A 447 -26.37 -5.36 1.36
CA VAL A 447 -27.30 -4.57 2.16
C VAL A 447 -27.89 -3.44 1.33
N VAL A 448 -27.02 -2.72 0.62
CA VAL A 448 -27.46 -1.56 -0.15
C VAL A 448 -28.40 -2.00 -1.28
N SER A 449 -28.17 -3.16 -1.87
CA SER A 449 -28.99 -3.61 -3.00
C SER A 449 -30.41 -4.02 -2.60
N GLN A 450 -30.69 -4.20 -1.30
CA GLN A 450 -32.01 -4.56 -0.80
C GLN A 450 -32.81 -3.29 -0.47
N PRO A 451 -34.12 -3.42 -0.26
CA PRO A 451 -34.92 -2.23 0.12
C PRO A 451 -34.33 -1.53 1.33
N PRO A 452 -34.13 -0.21 1.23
CA PRO A 452 -33.46 0.54 2.30
C PRO A 452 -34.03 0.29 3.69
N ASP A 453 -35.34 0.10 3.78
CA ASP A 453 -35.98 -0.02 5.08
C ASP A 453 -35.69 -1.34 5.79
N THR A 454 -35.29 -2.38 5.05
CA THR A 454 -35.15 -3.67 5.72
C THR A 454 -33.79 -3.89 6.39
N TYR A 455 -32.70 -3.55 5.70
CA TYR A 455 -31.37 -3.71 6.29
C TYR A 455 -30.61 -2.41 6.43
N LEU A 456 -30.43 -1.65 5.33
CA LEU A 456 -29.68 -0.39 5.36
C LEU A 456 -30.06 0.52 6.52
N LYS A 457 -31.35 0.88 6.64
CA LYS A 457 -31.78 1.81 7.69
C LYS A 457 -31.38 1.36 9.09
N PRO A 458 -31.77 0.17 9.56
CA PRO A 458 -31.34 -0.21 10.92
C PRO A 458 -29.84 -0.36 11.05
N LEU A 459 -29.16 -0.83 10.00
CA LEU A 459 -27.71 -0.98 10.08
C LEU A 459 -27.02 0.35 10.30
N MET A 460 -27.39 1.33 9.47
CA MET A 460 -26.82 2.67 9.59
C MET A 460 -27.10 3.24 10.97
N THR A 461 -28.33 3.06 11.45
CA THR A 461 -28.70 3.57 12.78
C THR A 461 -27.79 3.00 13.87
N GLU A 462 -27.53 1.69 13.84
CA GLU A 462 -26.73 1.06 14.90
C GLU A 462 -25.25 1.32 14.69
N LEU A 463 -24.85 1.46 13.42
CA LEU A 463 -23.49 1.85 13.11
C LEU A 463 -23.19 3.22 13.71
N LEU A 464 -24.11 4.18 13.53
CA LEU A 464 -23.94 5.51 14.11
C LEU A 464 -23.85 5.44 15.63
N LYS A 465 -24.75 4.68 16.24
CA LYS A 465 -24.69 4.47 17.70
C LYS A 465 -23.32 3.97 18.12
N ARG A 466 -22.82 2.96 17.38
CA ARG A 466 -21.50 2.35 17.68
C ARG A 466 -20.41 3.42 17.62
N ILE A 467 -20.43 4.23 16.56
CA ILE A 467 -19.43 5.30 16.39
C ILE A 467 -19.21 6.03 17.71
N LEU A 468 -20.27 6.25 18.49
CA LEU A 468 -20.12 6.89 19.79
C LEU A 468 -19.95 5.89 20.95
N ASP A 469 -19.48 4.67 20.66
CA ASP A 469 -19.20 3.67 21.68
C ASP A 469 -18.19 4.20 22.69
N SER A 470 -18.27 3.71 23.92
CA SER A 470 -17.27 4.11 24.90
C SER A 470 -15.92 3.42 24.70
N ASN A 471 -15.88 2.32 23.95
CA ASN A 471 -14.66 1.59 23.67
C ASN A 471 -13.96 2.11 22.42
N LYS A 472 -12.66 2.36 22.51
CA LYS A 472 -11.96 3.01 21.41
C LYS A 472 -11.82 2.09 20.19
N ARG A 473 -11.55 0.80 20.41
CA ARG A 473 -11.53 -0.14 19.29
C ARG A 473 -12.89 -0.25 18.60
N VAL A 474 -13.98 -0.22 19.36
CA VAL A 474 -15.29 -0.25 18.71
C VAL A 474 -15.46 1.01 17.87
N GLN A 475 -15.11 2.16 18.43
CA GLN A 475 -15.22 3.44 17.72
C GLN A 475 -14.57 3.34 16.34
N GLU A 476 -13.32 2.88 16.31
CA GLU A 476 -12.60 2.79 15.03
C GLU A 476 -13.22 1.74 14.10
N ALA A 477 -13.63 0.58 14.63
CA ALA A 477 -14.33 -0.42 13.80
C ALA A 477 -15.58 0.18 13.17
N ALA A 478 -16.37 0.90 13.97
CA ALA A 478 -17.61 1.50 13.51
C ALA A 478 -17.33 2.55 12.44
N CYS A 479 -16.36 3.43 12.69
CA CYS A 479 -16.02 4.44 11.69
C CYS A 479 -15.56 3.85 10.36
N SER A 480 -14.61 2.90 10.39
CA SER A 480 -14.25 2.20 9.16
C SER A 480 -15.47 1.59 8.47
N ALA A 481 -16.33 0.91 9.25
CA ALA A 481 -17.45 0.21 8.63
C ALA A 481 -18.44 1.21 8.05
N PHE A 482 -18.68 2.30 8.77
CA PHE A 482 -19.58 3.32 8.25
C PHE A 482 -19.01 3.92 6.98
N ALA A 483 -17.70 4.13 6.92
CA ALA A 483 -17.09 4.67 5.72
C ALA A 483 -17.33 3.73 4.54
N THR A 484 -17.11 2.43 4.78
CA THR A 484 -17.29 1.44 3.70
C THR A 484 -18.74 1.47 3.21
N LEU A 485 -19.66 1.59 4.16
CA LEU A 485 -21.06 1.63 3.81
C LEU A 485 -21.36 2.89 3.01
N GLU A 486 -20.87 4.05 3.47
CA GLU A 486 -20.98 5.31 2.73
C GLU A 486 -20.53 5.18 1.29
N GLU A 487 -19.32 4.65 1.08
CA GLU A 487 -18.81 4.40 -0.27
C GLU A 487 -19.79 3.60 -1.11
N GLU A 488 -20.36 2.53 -0.52
CA GLU A 488 -21.28 1.70 -1.32
C GLU A 488 -22.62 2.39 -1.55
N ALA A 489 -23.17 3.03 -0.52
CA ALA A 489 -24.51 3.61 -0.60
C ALA A 489 -24.60 4.85 -1.46
N CYS A 490 -23.63 5.77 -1.37
CA CYS A 490 -23.70 7.02 -2.13
C CYS A 490 -25.01 7.78 -1.95
N THR A 491 -25.71 8.06 -3.06
CA THR A 491 -26.93 8.88 -3.01
C THR A 491 -28.00 8.38 -2.04
N GLU A 492 -28.01 7.09 -1.73
CA GLU A 492 -29.01 6.52 -0.82
C GLU A 492 -28.85 7.02 0.62
N LEU A 493 -27.81 7.81 0.87
CA LEU A 493 -27.57 8.36 2.19
C LEU A 493 -27.67 9.88 2.18
N VAL A 494 -28.66 10.38 1.44
CA VAL A 494 -28.90 11.85 1.32
C VAL A 494 -30.01 12.26 2.29
N PRO A 495 -30.99 11.36 2.50
CA PRO A 495 -32.11 11.64 3.40
C PRO A 495 -31.69 11.52 4.88
N TYR A 496 -30.59 10.80 5.13
CA TYR A 496 -30.08 10.60 6.52
C TYR A 496 -28.75 11.34 6.68
N LEU A 497 -28.63 12.50 6.02
CA LEU A 497 -27.41 13.30 6.09
C LEU A 497 -27.31 14.08 7.40
N ALA A 498 -28.40 14.72 7.84
CA ALA A 498 -28.33 15.51 9.06
C ALA A 498 -28.01 14.63 10.24
N TYR A 499 -28.68 13.48 10.33
CA TYR A 499 -28.42 12.59 11.46
C TYR A 499 -26.98 12.08 11.40
N ILE A 500 -26.51 11.70 10.20
CA ILE A 500 -25.10 11.32 10.08
C ILE A 500 -24.21 12.45 10.64
N LEU A 501 -24.44 13.70 10.19
CA LEU A 501 -23.53 14.76 10.64
C LEU A 501 -23.63 14.96 12.14
N ASP A 502 -24.87 14.94 12.67
CA ASP A 502 -25.12 15.00 14.10
C ASP A 502 -24.17 14.09 14.85
N THR A 503 -23.98 12.88 14.35
CA THR A 503 -23.12 11.95 15.06
C THR A 503 -21.64 12.23 14.81
N LEU A 504 -21.24 12.39 13.54
CA LEU A 504 -19.83 12.65 13.23
C LEU A 504 -19.25 13.85 13.96
N VAL A 505 -19.96 14.98 13.99
CA VAL A 505 -19.44 16.13 14.73
C VAL A 505 -19.29 15.80 16.21
N PHE A 506 -20.33 15.21 16.81
CA PHE A 506 -20.20 14.89 18.24
C PHE A 506 -18.95 14.06 18.50
N ALA A 507 -18.57 13.18 17.56
CA ALA A 507 -17.36 12.39 17.75
C ALA A 507 -16.12 13.26 17.94
N PHE A 508 -16.10 14.43 17.30
CA PHE A 508 -15.03 15.40 17.51
C PHE A 508 -14.78 15.61 18.99
N SER A 509 -15.83 15.71 19.77
CA SER A 509 -15.65 15.97 21.17
C SER A 509 -15.19 14.79 21.98
N LYS A 510 -15.51 13.58 21.55
CA LYS A 510 -15.17 12.42 22.33
C LYS A 510 -13.96 11.64 21.86
N TYR A 511 -13.59 11.80 20.60
CA TYR A 511 -12.49 11.03 20.09
C TYR A 511 -11.14 11.55 20.52
N GLN A 512 -10.20 10.63 20.65
CA GLN A 512 -8.85 10.98 20.98
C GLN A 512 -8.05 11.10 19.69
N HIS A 513 -6.74 11.21 19.78
CA HIS A 513 -6.00 11.40 18.54
C HIS A 513 -6.12 10.31 17.51
N LYS A 514 -5.74 9.10 17.88
CA LYS A 514 -5.79 7.98 16.97
C LYS A 514 -7.08 7.80 16.21
N ASN A 515 -8.21 8.10 16.84
CA ASN A 515 -9.50 7.89 16.19
C ASN A 515 -10.02 9.13 15.45
N LEU A 516 -9.57 10.35 15.81
CA LEU A 516 -9.95 11.52 15.00
C LEU A 516 -9.50 11.38 13.55
N LEU A 517 -8.40 10.69 13.30
CA LEU A 517 -7.90 10.52 11.94
C LEU A 517 -8.85 9.66 11.13
N ILE A 518 -9.35 8.60 11.76
CA ILE A 518 -10.30 7.76 11.08
C ILE A 518 -11.59 8.54 10.88
N LEU A 519 -11.96 9.38 11.85
CA LEU A 519 -13.15 10.22 11.65
C LEU A 519 -12.98 11.12 10.42
N TYR A 520 -11.81 11.76 10.28
CA TYR A 520 -11.57 12.61 9.11
C TYR A 520 -11.78 11.82 7.83
N ASP A 521 -11.29 10.59 7.80
CA ASP A 521 -11.52 9.73 6.62
C ASP A 521 -13.02 9.48 6.41
N ALA A 522 -13.77 9.24 7.49
CA ALA A 522 -15.22 9.05 7.36
C ALA A 522 -15.94 10.29 6.82
N ILE A 523 -15.58 11.48 7.31
CA ILE A 523 -16.11 12.73 6.76
C ILE A 523 -15.74 12.88 5.28
N GLY A 524 -14.49 12.62 4.96
CA GLY A 524 -14.06 12.70 3.58
C GLY A 524 -14.93 11.86 2.68
N THR A 525 -15.13 10.60 3.07
CA THR A 525 -15.94 9.70 2.25
C THR A 525 -17.39 10.15 2.20
N LEU A 526 -17.93 10.67 3.31
CA LEU A 526 -19.26 11.27 3.27
C LEU A 526 -19.38 12.37 2.22
N ALA A 527 -18.44 13.34 2.24
CA ALA A 527 -18.46 14.44 1.26
C ALA A 527 -18.38 13.93 -0.18
N ASP A 528 -17.51 12.94 -0.43
CA ASP A 528 -17.45 12.34 -1.76
C ASP A 528 -18.77 11.66 -2.13
N SER A 529 -19.41 10.96 -1.18
CA SER A 529 -20.65 10.24 -1.45
C SER A 529 -21.83 11.16 -1.75
N VAL A 530 -22.01 12.22 -0.94
CA VAL A 530 -23.20 13.06 -1.07
C VAL A 530 -22.98 14.31 -1.92
N GLY A 531 -21.77 14.57 -2.42
CA GLY A 531 -21.50 15.76 -3.20
C GLY A 531 -22.16 17.05 -2.74
N HIS A 532 -22.81 17.77 -3.67
CA HIS A 532 -23.29 19.13 -3.36
C HIS A 532 -24.37 19.17 -2.30
N HIS A 533 -25.04 18.05 -2.00
CA HIS A 533 -26.01 18.06 -0.92
C HIS A 533 -25.41 18.49 0.40
N LEU A 534 -24.09 18.41 0.54
CA LEU A 534 -23.45 18.86 1.77
C LEU A 534 -23.48 20.37 1.93
N ASN A 535 -23.74 21.12 0.84
CA ASN A 535 -23.66 22.58 0.83
C ASN A 535 -24.92 23.23 1.38
N LYS A 536 -25.04 23.23 2.70
CA LYS A 536 -26.13 23.90 3.40
C LYS A 536 -25.52 24.62 4.60
N PRO A 537 -25.92 25.87 4.85
CA PRO A 537 -25.31 26.66 5.94
C PRO A 537 -25.18 25.96 7.29
N GLU A 538 -26.22 25.25 7.73
CA GLU A 538 -26.15 24.55 9.02
C GLU A 538 -25.05 23.48 9.01
N TYR A 539 -24.99 22.68 7.94
CA TYR A 539 -23.99 21.63 7.85
C TYR A 539 -22.59 22.23 7.87
N ILE A 540 -22.38 23.26 7.03
CA ILE A 540 -21.10 23.96 6.99
C ILE A 540 -20.72 24.49 8.36
N GLN A 541 -21.68 25.07 9.09
CA GLN A 541 -21.40 25.68 10.38
C GLN A 541 -21.04 24.64 11.44
N MET A 542 -21.69 23.48 11.44
CA MET A 542 -21.30 22.48 12.43
C MET A 542 -20.00 21.75 12.04
N LEU A 543 -19.72 21.62 10.74
CA LEU A 543 -18.58 20.84 10.28
C LEU A 543 -17.25 21.63 10.28
N MET A 544 -17.26 22.86 9.75
CA MET A 544 -15.99 23.59 9.56
C MET A 544 -15.23 23.94 10.82
N PRO A 545 -15.82 24.54 11.85
CA PRO A 545 -15.02 24.96 13.03
C PRO A 545 -14.13 23.87 13.61
N PRO A 546 -14.58 22.63 13.85
CA PRO A 546 -13.63 21.65 14.42
C PRO A 546 -12.57 21.19 13.44
N LEU A 547 -12.85 21.28 12.13
CA LEU A 547 -11.84 20.96 11.13
C LEU A 547 -10.74 22.01 11.13
N ILE A 548 -11.13 23.29 11.11
CA ILE A 548 -10.16 24.39 11.20
C ILE A 548 -9.43 24.37 12.54
N GLN A 549 -10.14 24.08 13.63
CA GLN A 549 -9.49 23.99 14.94
C GLN A 549 -8.30 23.04 14.88
N LYS A 550 -8.52 21.86 14.32
CA LYS A 550 -7.40 20.93 14.31
C LYS A 550 -6.37 21.31 13.25
N TRP A 551 -6.81 21.94 12.18
CA TRP A 551 -5.87 22.50 11.22
C TRP A 551 -4.89 23.47 11.89
N ASN A 552 -5.40 24.38 12.72
CA ASN A 552 -4.55 25.34 13.46
C ASN A 552 -3.67 24.73 14.54
N MET A 553 -4.04 23.55 15.05
CA MET A 553 -3.27 22.91 16.12
C MET A 553 -2.15 21.95 15.68
N LEU A 554 -2.12 21.62 14.39
CA LEU A 554 -1.12 20.71 13.83
C LEU A 554 -0.05 21.49 13.06
N LYS A 555 1.19 21.08 13.21
CA LYS A 555 2.33 21.73 12.55
C LYS A 555 2.68 21.05 11.22
N ASP A 556 3.32 21.83 10.35
CA ASP A 556 3.66 21.46 8.98
C ASP A 556 4.49 20.17 8.91
N GLU A 557 5.02 19.69 10.03
CA GLU A 557 5.85 18.48 10.05
C GLU A 557 5.08 17.26 10.54
N ASP A 558 3.82 17.42 10.95
CA ASP A 558 2.99 16.35 11.49
C ASP A 558 2.27 15.55 10.38
N LYS A 559 2.61 14.26 10.26
CA LYS A 559 2.01 13.39 9.25
C LYS A 559 0.49 13.33 9.33
N ASP A 560 -0.09 13.54 10.52
CA ASP A 560 -1.53 13.61 10.70
C ASP A 560 -2.22 14.66 9.84
N LEU A 561 -1.47 15.49 9.12
CA LEU A 561 -2.08 16.35 8.12
C LEU A 561 -2.67 15.56 6.96
N PHE A 562 -2.05 14.44 6.59
CA PHE A 562 -2.54 13.69 5.42
C PHE A 562 -4.04 13.42 5.50
N PRO A 563 -4.59 12.84 6.57
CA PRO A 563 -6.04 12.58 6.57
C PRO A 563 -6.87 13.86 6.69
N LEU A 564 -6.43 14.83 7.51
CA LEU A 564 -7.17 16.08 7.61
C LEU A 564 -7.23 16.80 6.26
N LEU A 565 -6.07 16.93 5.62
CA LEU A 565 -5.98 17.57 4.31
C LEU A 565 -6.83 16.83 3.26
N GLU A 566 -6.72 15.52 3.21
CA GLU A 566 -7.49 14.76 2.23
C GLU A 566 -8.97 14.88 2.56
N CYS A 567 -9.30 14.97 3.85
CA CYS A 567 -10.70 15.21 4.19
C CYS A 567 -11.12 16.57 3.66
N LEU A 568 -10.33 17.61 3.94
CA LEU A 568 -10.66 18.94 3.46
C LEU A 568 -10.78 18.94 1.94
N SER A 569 -9.89 18.20 1.26
CA SER A 569 -9.96 18.12 -0.20
C SER A 569 -11.37 17.69 -0.62
N SER A 570 -11.90 16.64 0.01
CA SER A 570 -13.21 16.17 -0.38
C SER A 570 -14.29 17.18 -0.01
N VAL A 571 -14.19 17.76 1.20
CA VAL A 571 -15.21 18.72 1.63
C VAL A 571 -15.25 19.91 0.67
N ALA A 572 -14.08 20.40 0.28
CA ALA A 572 -14.02 21.58 -0.57
C ALA A 572 -14.72 21.29 -1.89
N THR A 573 -14.40 20.15 -2.50
CA THR A 573 -15.04 19.79 -3.76
C THR A 573 -16.56 19.80 -3.62
N ALA A 574 -17.05 19.37 -2.46
CA ALA A 574 -18.48 19.27 -2.24
C ALA A 574 -19.11 20.63 -1.94
N LEU A 575 -18.40 21.46 -1.15
CA LEU A 575 -18.94 22.75 -0.75
C LEU A 575 -18.97 23.81 -1.86
N GLN A 576 -18.04 23.75 -2.80
CA GLN A 576 -17.99 24.75 -3.85
C GLN A 576 -17.94 26.15 -3.23
N SER A 577 -18.77 27.05 -3.74
CA SER A 577 -18.86 28.42 -3.23
C SER A 577 -18.94 28.50 -1.72
N GLY A 578 -19.59 27.51 -1.08
CA GLY A 578 -19.68 27.46 0.37
C GLY A 578 -18.34 27.48 1.07
N PHE A 579 -17.28 27.05 0.39
CA PHE A 579 -15.95 27.04 0.96
C PHE A 579 -15.28 28.40 0.94
N LEU A 580 -15.85 29.38 0.22
CA LEU A 580 -15.23 30.71 0.12
C LEU A 580 -14.69 31.26 1.44
N PRO A 581 -15.42 31.28 2.56
CA PRO A 581 -14.88 31.93 3.76
C PRO A 581 -13.65 31.26 4.35
N TYR A 582 -13.21 30.13 3.81
CA TYR A 582 -12.16 29.33 4.43
C TYR A 582 -10.93 29.15 3.55
N CYS A 583 -11.03 29.42 2.24
CA CYS A 583 -10.02 29.03 1.27
C CYS A 583 -8.67 29.71 1.49
N GLU A 584 -8.67 31.04 1.70
CA GLU A 584 -7.42 31.81 1.69
C GLU A 584 -6.37 31.12 2.57
N PRO A 585 -6.58 30.98 3.89
CA PRO A 585 -5.52 30.33 4.70
C PRO A 585 -5.17 28.92 4.23
N VAL A 586 -6.17 28.15 3.80
CA VAL A 586 -5.92 26.79 3.31
C VAL A 586 -5.02 26.80 2.08
N TYR A 587 -5.40 27.59 1.07
CA TYR A 587 -4.58 27.78 -0.13
C TYR A 587 -3.16 28.16 0.22
N GLN A 588 -3.03 29.18 1.05
CA GLN A 588 -1.71 29.69 1.38
C GLN A 588 -0.87 28.57 1.99
N ARG A 589 -1.42 27.84 2.95
CA ARG A 589 -0.61 26.82 3.61
C ARG A 589 -0.17 25.74 2.62
N CYS A 590 -1.08 25.35 1.71
CA CYS A 590 -0.78 24.26 0.78
C CYS A 590 0.35 24.62 -0.16
N VAL A 591 0.26 25.78 -0.83
CA VAL A 591 1.36 26.21 -1.68
C VAL A 591 2.67 26.17 -0.91
N ASN A 592 2.69 26.75 0.31
CA ASN A 592 3.92 26.73 1.08
C ASN A 592 4.42 25.31 1.33
N LEU A 593 3.51 24.39 1.67
CA LEU A 593 3.96 23.01 1.92
C LEU A 593 4.60 22.43 0.65
N VAL A 594 4.05 22.73 -0.51
CA VAL A 594 4.70 22.29 -1.74
C VAL A 594 6.09 22.91 -1.85
N GLN A 595 6.17 24.21 -1.56
CA GLN A 595 7.43 24.93 -1.65
C GLN A 595 8.49 24.34 -0.72
N LYS A 596 8.16 24.22 0.57
CA LYS A 596 9.15 23.74 1.51
C LYS A 596 9.57 22.30 1.25
N THR A 597 8.65 21.48 0.74
CA THR A 597 9.03 20.13 0.34
C THR A 597 10.06 20.18 -0.79
N LEU A 598 9.68 20.81 -1.90
CA LEU A 598 10.57 20.92 -3.09
C LEU A 598 11.94 21.46 -2.63
N ALA A 599 11.93 22.43 -1.70
CA ALA A 599 13.19 23.03 -1.18
C ALA A 599 13.94 21.99 -0.35
N GLN A 600 13.22 21.11 0.34
CA GLN A 600 13.84 20.08 1.15
C GLN A 600 14.59 19.09 0.27
N ALA A 601 13.91 18.61 -0.78
CA ALA A 601 14.54 17.65 -1.72
C ALA A 601 15.81 18.26 -2.33
N MET A 602 15.77 19.52 -2.67
CA MET A 602 16.90 20.16 -3.27
C MET A 602 18.04 20.19 -2.32
N LEU A 603 17.76 20.52 -1.08
CA LEU A 603 18.79 20.59 -0.10
C LEU A 603 19.30 19.25 0.23
N ASN A 604 18.47 18.24 0.20
CA ASN A 604 18.91 16.91 0.48
C ASN A 604 19.67 16.39 -0.64
N ASN A 605 19.38 16.82 -1.84
CA ASN A 605 20.08 16.40 -2.98
C ASN A 605 21.44 16.97 -3.11
N ALA A 606 21.72 18.06 -2.44
CA ALA A 606 22.98 18.68 -2.47
C ALA A 606 23.88 18.06 -1.47
N GLN A 607 23.41 17.99 -0.22
CA GLN A 607 24.18 17.41 0.86
C GLN A 607 23.35 16.33 1.53
N PRO A 608 23.33 15.13 0.93
CA PRO A 608 22.53 14.02 1.49
C PRO A 608 22.93 13.66 2.90
N ASP A 609 24.21 13.79 3.25
CA ASP A 609 24.70 13.39 4.55
C ASP A 609 24.40 14.40 5.64
N GLN A 610 23.73 15.52 5.34
CA GLN A 610 23.54 16.48 6.41
C GLN A 610 22.08 16.91 6.42
N TYR A 611 21.41 16.74 5.28
CA TYR A 611 19.97 17.12 5.15
C TYR A 611 19.17 15.90 4.67
N GLU A 612 18.36 15.32 5.58
CA GLU A 612 17.54 14.14 5.25
C GLU A 612 16.50 14.51 4.19
N ALA A 613 16.19 13.58 3.28
CA ALA A 613 15.20 13.82 2.20
C ALA A 613 13.80 13.95 2.82
N PRO A 614 12.95 14.78 2.20
CA PRO A 614 11.58 14.99 2.69
C PRO A 614 10.62 13.88 2.33
N ASP A 615 9.53 13.84 3.08
CA ASP A 615 8.40 12.98 2.80
C ASP A 615 7.49 13.67 1.78
N LYS A 616 7.49 13.16 0.55
CA LYS A 616 6.75 13.79 -0.53
C LYS A 616 5.23 13.67 -0.37
N ASP A 617 4.74 12.95 0.64
CA ASP A 617 3.28 12.91 0.79
C ASP A 617 2.74 14.29 1.14
N PHE A 618 3.49 15.08 1.91
CA PHE A 618 3.09 16.47 2.16
C PHE A 618 2.82 17.20 0.86
N MET A 619 3.64 16.92 -0.15
CA MET A 619 3.46 17.59 -1.44
C MET A 619 2.26 17.02 -2.19
N ILE A 620 2.10 15.70 -2.20
CA ILE A 620 0.97 15.08 -2.89
C ILE A 620 -0.35 15.55 -2.30
N VAL A 621 -0.46 15.50 -0.98
CA VAL A 621 -1.68 15.92 -0.31
C VAL A 621 -1.93 17.41 -0.51
N ALA A 622 -0.87 18.24 -0.46
CA ALA A 622 -1.06 19.67 -0.64
C ALA A 622 -1.56 19.96 -2.05
N LEU A 623 -0.95 19.32 -3.05
CA LEU A 623 -1.44 19.45 -4.42
C LEU A 623 -2.89 19.00 -4.53
N ASP A 624 -3.24 17.87 -3.92
CA ASP A 624 -4.60 17.34 -4.05
C ASP A 624 -5.62 18.30 -3.45
N LEU A 625 -5.28 18.90 -2.33
CA LEU A 625 -6.19 19.89 -1.77
C LEU A 625 -6.30 21.11 -2.67
N LEU A 626 -5.18 21.56 -3.28
CA LEU A 626 -5.27 22.69 -4.19
C LEU A 626 -6.14 22.35 -5.40
N SER A 627 -6.03 21.11 -5.88
CA SER A 627 -6.91 20.62 -6.95
C SER A 627 -8.37 20.73 -6.52
N GLY A 628 -8.67 20.31 -5.30
CA GLY A 628 -10.04 20.40 -4.83
C GLY A 628 -10.51 21.84 -4.73
N LEU A 629 -9.69 22.72 -4.17
CA LEU A 629 -9.99 24.15 -4.13
C LEU A 629 -10.28 24.70 -5.54
N ALA A 630 -9.43 24.39 -6.52
CA ALA A 630 -9.67 24.90 -7.86
C ALA A 630 -10.93 24.32 -8.49
N GLU A 631 -11.19 23.03 -8.30
CA GLU A 631 -12.44 22.44 -8.79
C GLU A 631 -13.67 23.04 -8.12
N GLY A 632 -13.66 23.10 -6.79
CA GLY A 632 -14.72 23.68 -6.00
C GLY A 632 -15.04 25.12 -6.32
N LEU A 633 -14.05 26.01 -6.14
CA LEU A 633 -14.21 27.44 -6.27
C LEU A 633 -14.29 27.91 -7.74
N GLY A 634 -13.70 27.16 -8.67
CA GLY A 634 -13.63 27.60 -10.06
C GLY A 634 -12.97 28.96 -10.20
N GLY A 635 -13.62 29.82 -10.97
CA GLY A 635 -13.24 31.21 -11.13
C GLY A 635 -12.84 31.95 -9.88
N ASN A 636 -13.47 31.64 -8.75
CA ASN A 636 -13.21 32.35 -7.50
C ASN A 636 -11.85 32.04 -6.91
N ILE A 637 -11.04 31.18 -7.54
CA ILE A 637 -9.66 30.95 -7.08
C ILE A 637 -8.69 31.93 -7.71
N GLU A 638 -9.15 32.68 -8.70
CA GLU A 638 -8.33 33.62 -9.47
C GLU A 638 -7.50 34.53 -8.55
N GLN A 639 -8.14 35.26 -7.61
CA GLN A 639 -7.36 36.16 -6.74
C GLN A 639 -6.20 35.47 -6.04
N LEU A 640 -6.41 34.24 -5.59
CA LEU A 640 -5.35 33.58 -4.84
C LEU A 640 -4.21 33.16 -5.76
N VAL A 641 -4.56 32.66 -6.94
CA VAL A 641 -3.54 32.21 -7.88
C VAL A 641 -2.76 33.38 -8.45
N ALA A 642 -3.43 34.53 -8.65
CA ALA A 642 -2.79 35.77 -9.12
C ALA A 642 -1.67 36.22 -8.21
N ARG A 643 -1.78 35.92 -6.92
CA ARG A 643 -0.84 36.36 -5.89
C ARG A 643 0.17 35.27 -5.52
N SER A 644 0.23 34.22 -6.34
CA SER A 644 1.00 32.99 -5.97
C SER A 644 2.03 32.52 -6.96
N ASN A 645 2.97 31.70 -6.50
CA ASN A 645 4.00 31.08 -7.37
C ASN A 645 3.65 29.64 -7.59
N ILE A 646 2.37 29.31 -7.55
CA ILE A 646 1.90 27.92 -7.68
C ILE A 646 2.34 27.32 -9.01
N LEU A 647 2.35 28.07 -10.09
CA LEU A 647 2.72 27.47 -11.38
C LEU A 647 4.21 27.22 -11.48
N THR A 648 5.03 28.08 -10.87
CA THR A 648 6.50 27.88 -10.87
C THR A 648 6.80 26.59 -10.12
N LEU A 649 6.11 26.37 -8.99
CA LEU A 649 6.25 25.15 -8.17
C LEU A 649 5.70 23.98 -8.97
N MET A 650 4.52 24.13 -9.55
CA MET A 650 3.85 23.08 -10.35
C MET A 650 4.78 22.55 -11.44
N TYR A 651 5.52 23.43 -12.10
CA TYR A 651 6.50 23.06 -13.13
C TYR A 651 7.52 22.09 -12.57
N GLN A 652 7.93 22.27 -11.31
CA GLN A 652 8.92 21.40 -10.69
C GLN A 652 8.34 20.05 -10.29
N CYS A 653 7.07 20.04 -9.92
CA CYS A 653 6.40 18.79 -9.51
C CYS A 653 6.17 17.90 -10.71
N MET A 654 5.79 18.49 -11.81
CA MET A 654 5.52 17.72 -13.02
C MET A 654 6.74 16.94 -13.50
N GLN A 655 7.94 17.31 -13.05
CA GLN A 655 9.18 16.69 -13.49
C GLN A 655 9.78 15.76 -12.44
N ASP A 656 9.08 15.58 -11.31
CA ASP A 656 9.53 14.73 -10.21
C ASP A 656 9.63 13.26 -10.61
N LYS A 657 10.56 12.53 -9.97
CA LYS A 657 10.71 11.10 -10.23
C LYS A 657 9.49 10.30 -9.76
N MET A 658 8.77 10.79 -8.75
CA MET A 658 7.68 10.04 -8.15
C MET A 658 6.35 10.17 -8.91
N PRO A 659 5.81 9.06 -9.43
CA PRO A 659 4.57 9.12 -10.22
C PRO A 659 3.44 9.88 -9.61
N GLU A 660 3.22 9.66 -8.31
CA GLU A 660 2.08 10.28 -7.64
C GLU A 660 2.18 11.79 -7.59
N VAL A 661 3.40 12.33 -7.51
CA VAL A 661 3.57 13.78 -7.55
C VAL A 661 3.15 14.31 -8.91
N ARG A 662 3.63 13.68 -9.99
CA ARG A 662 3.22 14.09 -11.33
C ARG A 662 1.71 13.99 -11.47
N GLN A 663 1.13 12.87 -11.03
CA GLN A 663 -0.30 12.65 -11.17
C GLN A 663 -1.11 13.75 -10.50
N SER A 664 -0.65 14.18 -9.31
CA SER A 664 -1.34 15.26 -8.61
C SER A 664 -1.12 16.61 -9.32
N SER A 665 0.05 16.82 -9.91
CA SER A 665 0.31 18.13 -10.48
C SER A 665 -0.42 18.29 -11.81
N PHE A 666 -0.50 17.24 -12.63
CA PHE A 666 -1.31 17.30 -13.85
C PHE A 666 -2.78 17.47 -13.51
N ALA A 667 -3.24 16.88 -12.41
CA ALA A 667 -4.61 17.12 -12.00
C ALA A 667 -4.83 18.60 -11.68
N LEU A 668 -3.95 19.17 -10.86
CA LEU A 668 -4.03 20.61 -10.57
C LEU A 668 -3.95 21.44 -11.84
N LEU A 669 -3.11 21.05 -12.80
CA LEU A 669 -2.99 21.78 -14.05
C LEU A 669 -4.33 21.83 -14.77
N GLY A 670 -5.01 20.68 -14.89
CA GLY A 670 -6.32 20.67 -15.54
C GLY A 670 -7.34 21.53 -14.84
N ASP A 671 -7.35 21.47 -13.49
CA ASP A 671 -8.30 22.28 -12.73
C ASP A 671 -8.02 23.77 -12.91
N LEU A 672 -6.75 24.18 -12.92
CA LEU A 672 -6.47 25.60 -13.05
C LEU A 672 -6.70 26.06 -14.48
N THR A 673 -6.53 25.16 -15.45
CA THR A 673 -6.84 25.47 -16.84
C THR A 673 -8.31 25.84 -16.96
N LYS A 674 -9.18 25.08 -16.30
CA LYS A 674 -10.60 25.42 -16.33
C LYS A 674 -10.89 26.70 -15.54
N ALA A 675 -10.27 26.87 -14.36
CA ALA A 675 -10.69 27.95 -13.45
C ALA A 675 -10.17 29.32 -13.84
N CYS A 676 -8.89 29.43 -14.23
CA CYS A 676 -8.30 30.75 -14.53
C CYS A 676 -7.14 30.56 -15.51
N PHE A 677 -7.50 30.32 -16.78
CA PHE A 677 -6.50 30.02 -17.79
C PHE A 677 -5.51 31.15 -17.99
N GLN A 678 -5.91 32.42 -17.75
CA GLN A 678 -5.01 33.53 -18.00
C GLN A 678 -3.66 33.37 -17.28
N HIS A 679 -3.65 32.75 -16.11
CA HIS A 679 -2.39 32.54 -15.41
C HIS A 679 -1.64 31.32 -15.95
N VAL A 680 -2.29 30.46 -16.72
CA VAL A 680 -1.69 29.21 -17.20
C VAL A 680 -1.09 29.41 -18.59
N LYS A 681 -1.82 30.11 -19.46
CA LYS A 681 -1.41 30.38 -20.85
C LYS A 681 0.07 30.70 -21.02
N PRO A 682 0.70 31.58 -20.22
CA PRO A 682 2.16 31.79 -20.36
C PRO A 682 3.00 30.51 -20.26
N CYS A 683 2.50 29.46 -19.61
CA CYS A 683 3.32 28.30 -19.30
C CYS A 683 3.14 27.17 -20.31
N ILE A 684 2.09 27.23 -21.12
CA ILE A 684 1.75 26.14 -22.03
C ILE A 684 2.95 25.68 -22.85
N ALA A 685 3.69 26.62 -23.46
CA ALA A 685 4.84 26.24 -24.28
C ALA A 685 5.87 25.39 -23.53
N ASP A 686 6.01 25.59 -22.22
CA ASP A 686 6.87 24.75 -21.38
C ASP A 686 6.19 23.45 -20.94
N PHE A 687 4.94 23.57 -20.50
CA PHE A 687 4.16 22.47 -19.97
C PHE A 687 3.90 21.38 -21.01
N MET A 688 3.60 21.78 -22.24
CA MET A 688 3.19 20.79 -23.24
C MET A 688 4.24 19.73 -23.48
N PRO A 689 5.53 20.03 -23.71
CA PRO A 689 6.47 18.93 -23.95
C PRO A 689 6.55 17.99 -22.75
N ILE A 690 6.23 18.48 -21.54
CA ILE A 690 6.25 17.61 -20.38
C ILE A 690 4.99 16.75 -20.34
N LEU A 691 3.81 17.35 -20.59
CA LEU A 691 2.62 16.52 -20.75
C LEU A 691 2.84 15.46 -21.83
N GLY A 692 3.48 15.85 -22.92
CA GLY A 692 3.78 14.94 -24.02
C GLY A 692 4.67 13.77 -23.64
N THR A 693 5.54 13.97 -22.65
CA THR A 693 6.43 12.89 -22.21
C THR A 693 5.81 12.02 -21.11
N ASN A 694 4.60 12.34 -20.64
CA ASN A 694 3.92 11.54 -19.63
C ASN A 694 2.71 10.77 -20.16
N LEU A 695 2.63 10.57 -21.48
CA LEU A 695 1.60 9.69 -22.05
C LEU A 695 2.07 8.24 -22.11
N ASN A 696 2.48 7.74 -20.93
CA ASN A 696 2.93 6.37 -20.74
C ASN A 696 1.92 5.54 -19.96
N PRO A 697 1.25 4.58 -20.59
CA PRO A 697 0.19 3.81 -19.89
C PRO A 697 0.71 2.95 -18.73
N GLU A 698 2.02 2.71 -18.61
CA GLU A 698 2.54 2.01 -17.44
C GLU A 698 2.13 2.70 -16.15
N PHE A 699 2.00 4.02 -16.17
CA PHE A 699 1.52 4.80 -15.03
C PHE A 699 0.11 5.31 -15.32
N ILE A 700 -0.88 4.46 -15.01
CA ILE A 700 -2.26 4.71 -15.41
C ILE A 700 -2.70 6.12 -15.00
N SER A 701 -2.50 6.49 -13.72
CA SER A 701 -3.10 7.74 -13.28
C SER A 701 -2.32 8.97 -13.72
N VAL A 702 -1.02 8.82 -13.99
CA VAL A 702 -0.26 9.92 -14.57
C VAL A 702 -0.69 10.12 -16.01
N CYS A 703 -0.67 9.04 -16.79
CA CYS A 703 -1.11 9.12 -18.18
C CYS A 703 -2.52 9.69 -18.27
N ASN A 704 -3.42 9.20 -17.43
CA ASN A 704 -4.79 9.71 -17.41
C ASN A 704 -4.85 11.20 -17.17
N ASN A 705 -4.23 11.68 -16.08
CA ASN A 705 -4.35 13.09 -15.74
C ASN A 705 -3.67 13.99 -16.75
N ALA A 706 -2.53 13.57 -17.28
CA ALA A 706 -1.91 14.30 -18.39
C ALA A 706 -2.89 14.43 -19.55
N THR A 707 -3.47 13.31 -19.98
CA THR A 707 -4.44 13.32 -21.08
C THR A 707 -5.59 14.29 -20.82
N TRP A 708 -6.19 14.22 -19.63
CA TRP A 708 -7.30 15.10 -19.31
C TRP A 708 -6.83 16.56 -19.40
N ALA A 709 -5.71 16.87 -18.77
CA ALA A 709 -5.13 18.20 -18.81
C ALA A 709 -4.99 18.69 -20.25
N ILE A 710 -4.49 17.83 -21.14
CA ILE A 710 -4.26 18.25 -22.51
C ILE A 710 -5.56 18.53 -23.24
N GLY A 711 -6.64 17.84 -22.86
CA GLY A 711 -7.94 18.16 -23.42
C GLY A 711 -8.44 19.51 -22.93
N GLU A 712 -8.28 19.75 -21.62
CA GLU A 712 -8.73 21.00 -21.05
C GLU A 712 -7.93 22.18 -21.60
N ILE A 713 -6.61 22.00 -21.83
CA ILE A 713 -5.84 23.14 -22.35
C ILE A 713 -6.26 23.41 -23.79
N SER A 714 -6.49 22.34 -24.56
CA SER A 714 -7.08 22.42 -25.89
C SER A 714 -8.27 23.37 -26.00
N ILE A 715 -9.27 23.12 -25.15
CA ILE A 715 -10.49 23.94 -25.24
C ILE A 715 -10.20 25.43 -25.02
N GLN A 716 -9.25 25.76 -24.17
CA GLN A 716 -8.93 27.16 -23.93
C GLN A 716 -8.02 27.78 -24.99
N MET A 717 -7.09 26.99 -25.54
CA MET A 717 -6.18 27.48 -26.58
C MET A 717 -6.86 27.69 -27.94
N GLY A 718 -7.89 26.91 -28.27
CA GLY A 718 -8.44 27.03 -29.62
C GLY A 718 -7.41 26.67 -30.69
N ILE A 719 -7.42 27.40 -31.81
CA ILE A 719 -6.47 27.11 -32.88
C ILE A 719 -5.03 27.36 -32.48
N GLU A 720 -4.80 28.17 -31.42
CA GLU A 720 -3.43 28.36 -30.95
C GLU A 720 -2.76 27.05 -30.56
N MET A 721 -3.53 25.95 -30.48
CA MET A 721 -3.01 24.64 -30.09
C MET A 721 -2.23 23.93 -31.19
N GLN A 722 -2.36 24.39 -32.44
CA GLN A 722 -1.83 23.65 -33.58
C GLN A 722 -0.39 23.18 -33.42
N PRO A 723 0.56 24.01 -32.98
CA PRO A 723 1.96 23.53 -32.88
C PRO A 723 2.15 22.38 -31.90
N TYR A 724 1.27 22.23 -30.91
CA TYR A 724 1.44 21.23 -29.87
C TYR A 724 0.89 19.84 -30.22
N ILE A 725 0.02 19.72 -31.25
CA ILE A 725 -0.58 18.42 -31.58
C ILE A 725 0.43 17.33 -31.87
N PRO A 726 1.48 17.53 -32.67
CA PRO A 726 2.39 16.41 -32.96
C PRO A 726 3.01 15.78 -31.71
N MET A 727 3.23 16.55 -30.63
CA MET A 727 3.87 15.91 -29.47
C MET A 727 2.95 14.97 -28.71
N VAL A 728 1.70 14.77 -29.12
CA VAL A 728 0.76 14.07 -28.24
C VAL A 728 -0.12 13.10 -29.01
N LEU A 729 -0.45 13.45 -30.26
CA LEU A 729 -1.44 12.69 -31.03
C LEU A 729 -1.00 11.25 -31.27
N HIS A 730 0.20 11.07 -31.81
CA HIS A 730 0.69 9.72 -32.09
C HIS A 730 0.48 8.81 -30.87
N GLN A 731 0.86 9.31 -29.69
CA GLN A 731 0.74 8.53 -28.46
C GLN A 731 -0.71 8.29 -28.08
N LEU A 732 -1.54 9.31 -28.21
CA LEU A 732 -2.94 9.17 -27.84
C LEU A 732 -3.63 8.11 -28.70
N VAL A 733 -3.32 8.07 -30.00
CA VAL A 733 -3.94 7.04 -30.83
C VAL A 733 -3.46 5.66 -30.44
N GLU A 734 -2.16 5.54 -30.13
CA GLU A 734 -1.68 4.25 -29.64
C GLU A 734 -2.37 3.85 -28.35
N ILE A 735 -2.56 4.79 -27.43
CA ILE A 735 -3.16 4.47 -26.12
C ILE A 735 -4.61 4.07 -26.31
N ILE A 736 -5.31 4.69 -27.25
CA ILE A 736 -6.71 4.36 -27.42
C ILE A 736 -6.88 3.05 -28.18
N ASN A 737 -5.84 2.55 -28.85
CA ASN A 737 -5.89 1.24 -29.49
C ASN A 737 -5.22 0.12 -28.69
N ARG A 738 -4.90 0.33 -27.42
CA ARG A 738 -4.08 -0.59 -26.62
C ARG A 738 -5.00 -1.56 -25.88
N PRO A 739 -4.81 -2.87 -25.98
CA PRO A 739 -5.71 -3.78 -25.26
C PRO A 739 -5.47 -3.78 -23.74
N ASN A 740 -6.55 -4.01 -22.99
CA ASN A 740 -6.51 -4.08 -21.51
C ASN A 740 -5.99 -2.80 -20.83
N THR A 741 -6.49 -1.67 -21.28
CA THR A 741 -6.21 -0.35 -20.73
C THR A 741 -7.50 0.09 -20.07
N PRO A 742 -7.45 0.50 -18.81
CA PRO A 742 -8.67 0.79 -18.07
C PRO A 742 -9.69 1.67 -18.81
N LYS A 743 -10.96 1.36 -18.60
CA LYS A 743 -12.08 2.13 -19.17
C LYS A 743 -11.89 3.64 -19.02
N THR A 744 -11.47 4.07 -17.83
CA THR A 744 -11.39 5.51 -17.58
C THR A 744 -10.29 6.17 -18.39
N LEU A 745 -9.13 5.54 -18.51
CA LEU A 745 -8.09 6.10 -19.38
C LEU A 745 -8.59 6.21 -20.81
N LEU A 746 -9.34 5.21 -21.29
CA LEU A 746 -9.79 5.24 -22.68
C LEU A 746 -10.84 6.32 -22.90
N GLU A 747 -11.74 6.50 -21.93
CA GLU A 747 -12.70 7.59 -22.02
C GLU A 747 -12.00 8.94 -22.08
N ASN A 748 -11.05 9.19 -21.18
CA ASN A 748 -10.35 10.47 -21.22
C ASN A 748 -9.56 10.64 -22.51
N THR A 749 -8.83 9.59 -22.94
CA THR A 749 -8.11 9.67 -24.22
C THR A 749 -9.04 10.03 -25.37
N ALA A 750 -10.22 9.41 -25.42
CA ALA A 750 -11.18 9.69 -26.48
C ALA A 750 -11.64 11.14 -26.41
N ILE A 751 -12.08 11.59 -25.23
CA ILE A 751 -12.49 12.98 -25.06
C ILE A 751 -11.39 13.93 -25.51
N THR A 752 -10.16 13.71 -25.09
CA THR A 752 -9.06 14.61 -25.46
C THR A 752 -8.82 14.63 -26.97
N ILE A 753 -8.83 13.46 -27.61
CA ILE A 753 -8.70 13.42 -29.07
C ILE A 753 -9.83 14.21 -29.73
N GLY A 754 -11.07 14.01 -29.26
CA GLY A 754 -12.18 14.83 -29.72
C GLY A 754 -11.96 16.31 -29.54
N ARG A 755 -11.41 16.70 -28.38
CA ARG A 755 -11.22 18.12 -28.08
C ARG A 755 -10.13 18.71 -28.98
N LEU A 756 -9.04 17.97 -29.16
CA LEU A 756 -8.00 18.40 -30.10
C LEU A 756 -8.59 18.55 -31.50
N GLY A 757 -9.47 17.63 -31.91
CA GLY A 757 -10.07 17.74 -33.23
C GLY A 757 -11.01 18.92 -33.37
N TYR A 758 -11.63 19.36 -32.27
CA TYR A 758 -12.58 20.46 -32.34
C TYR A 758 -11.86 21.78 -32.65
N VAL A 759 -10.72 22.03 -32.00
CA VAL A 759 -9.98 23.26 -32.20
C VAL A 759 -9.05 23.22 -33.43
N CYS A 760 -8.56 22.04 -33.81
CA CYS A 760 -7.62 21.90 -34.94
C CYS A 760 -7.98 20.71 -35.83
N PRO A 761 -9.14 20.73 -36.50
CA PRO A 761 -9.51 19.55 -37.31
C PRO A 761 -8.46 19.09 -38.32
N GLN A 762 -7.69 20.00 -38.93
CA GLN A 762 -6.73 19.61 -39.97
C GLN A 762 -5.56 18.80 -39.50
N GLU A 763 -5.08 19.01 -38.29
CA GLU A 763 -3.89 18.26 -37.93
C GLU A 763 -4.25 16.83 -37.52
N VAL A 764 -5.40 16.67 -36.88
CA VAL A 764 -5.82 15.39 -36.35
C VAL A 764 -6.74 14.60 -37.24
N ALA A 765 -7.57 15.33 -37.99
CA ALA A 765 -8.57 14.79 -38.90
C ALA A 765 -8.11 13.59 -39.67
N PRO A 766 -6.98 13.72 -40.35
CA PRO A 766 -6.35 12.66 -41.13
C PRO A 766 -6.25 11.26 -40.52
N MET A 767 -6.10 11.12 -39.20
CA MET A 767 -6.00 9.79 -38.62
C MET A 767 -7.32 9.17 -38.16
N LEU A 768 -8.40 9.84 -38.53
CA LEU A 768 -9.77 9.45 -38.21
C LEU A 768 -10.10 7.97 -38.16
N GLN A 769 -9.70 7.22 -39.17
CA GLN A 769 -10.04 5.81 -39.22
C GLN A 769 -9.13 4.86 -38.49
N GLN A 770 -8.25 5.36 -37.65
CA GLN A 770 -7.37 4.49 -36.91
C GLN A 770 -7.85 4.47 -35.48
N PHE A 771 -8.72 5.40 -35.16
CA PHE A 771 -9.20 5.53 -33.78
C PHE A 771 -10.72 5.50 -33.66
N ILE A 772 -11.46 5.69 -34.74
CA ILE A 772 -12.92 5.89 -34.67
C ILE A 772 -13.63 4.73 -33.96
N ARG A 773 -13.24 3.48 -34.24
CA ARG A 773 -13.77 2.30 -33.57
C ARG A 773 -13.72 2.38 -32.06
N PRO A 774 -12.52 2.36 -31.45
CA PRO A 774 -12.47 2.40 -29.97
C PRO A 774 -12.98 3.71 -29.39
N TRP A 775 -12.78 4.82 -30.10
CA TRP A 775 -13.34 6.10 -29.67
C TRP A 775 -14.84 5.97 -29.44
N CYS A 776 -15.53 5.42 -30.42
CA CYS A 776 -16.98 5.26 -30.35
C CYS A 776 -17.37 4.25 -29.27
N THR A 777 -16.71 3.09 -29.28
CA THR A 777 -16.99 2.08 -28.25
C THR A 777 -16.91 2.66 -26.85
N SER A 778 -15.83 3.37 -26.55
CA SER A 778 -15.59 3.96 -25.23
C SER A 778 -16.60 5.05 -24.88
N LEU A 779 -16.85 5.95 -25.82
CA LEU A 779 -17.63 7.13 -25.48
C LEU A 779 -19.13 6.86 -25.51
N ARG A 780 -19.56 5.79 -26.19
CA ARG A 780 -20.97 5.40 -26.21
C ARG A 780 -21.48 5.10 -24.80
N ASN A 781 -20.60 4.62 -23.92
CA ASN A 781 -20.97 4.24 -22.55
C ASN A 781 -20.95 5.37 -21.50
N ILE A 782 -20.62 6.64 -21.84
CA ILE A 782 -20.59 7.70 -20.82
C ILE A 782 -21.83 8.58 -20.88
N ARG A 783 -22.16 9.19 -19.74
CA ARG A 783 -23.30 10.09 -19.56
C ARG A 783 -23.22 11.31 -20.48
N ASP A 784 -24.38 11.85 -20.80
CA ASP A 784 -24.45 13.07 -21.58
C ASP A 784 -24.02 14.22 -20.66
N ASN A 785 -22.81 14.76 -20.87
CA ASN A 785 -22.34 15.89 -20.09
C ASN A 785 -21.52 16.81 -20.99
N GLU A 786 -20.89 17.83 -20.38
CA GLU A 786 -20.10 18.81 -21.14
C GLU A 786 -18.94 18.16 -21.90
N GLU A 787 -18.20 17.26 -21.25
CA GLU A 787 -17.05 16.64 -21.90
C GLU A 787 -17.48 15.86 -23.13
N LYS A 788 -18.52 15.04 -22.98
CA LYS A 788 -19.02 14.26 -24.11
C LYS A 788 -19.49 15.17 -25.24
N ASP A 789 -20.25 16.21 -24.90
CA ASP A 789 -20.68 17.19 -25.90
C ASP A 789 -19.49 17.73 -26.69
N SER A 790 -18.52 18.33 -25.98
CA SER A 790 -17.32 18.87 -26.60
C SER A 790 -16.65 17.85 -27.53
N ALA A 791 -16.48 16.60 -27.08
CA ALA A 791 -15.76 15.60 -27.88
C ALA A 791 -16.54 15.20 -29.13
N PHE A 792 -17.86 15.21 -29.06
CA PHE A 792 -18.63 14.85 -30.25
C PHE A 792 -18.61 15.98 -31.26
N ARG A 793 -18.57 17.22 -30.78
CA ARG A 793 -18.36 18.36 -31.67
C ARG A 793 -17.08 18.18 -32.49
N GLY A 794 -16.01 17.77 -31.81
CA GLY A 794 -14.76 17.49 -32.50
C GLY A 794 -14.90 16.41 -33.54
N ILE A 795 -15.62 15.33 -33.20
CA ILE A 795 -15.69 14.25 -34.17
C ILE A 795 -16.54 14.66 -35.36
N CYS A 796 -17.52 15.56 -35.15
CA CYS A 796 -18.32 16.05 -36.27
C CYS A 796 -17.52 16.97 -37.19
N THR A 797 -16.80 17.94 -36.62
CA THR A 797 -15.99 18.82 -37.49
C THR A 797 -14.98 17.99 -38.28
N MET A 798 -14.33 17.03 -37.61
CA MET A 798 -13.37 16.15 -38.30
C MET A 798 -14.02 15.34 -39.41
N ILE A 799 -15.25 14.85 -39.20
CA ILE A 799 -15.90 14.11 -40.28
C ILE A 799 -16.08 14.98 -41.52
N SER A 800 -16.44 16.24 -41.31
CA SER A 800 -16.56 17.18 -42.43
C SER A 800 -15.23 17.32 -43.19
N VAL A 801 -14.10 17.21 -42.50
CA VAL A 801 -12.80 17.36 -43.15
C VAL A 801 -12.28 16.07 -43.79
N ASN A 802 -12.56 14.89 -43.22
CA ASN A 802 -12.11 13.62 -43.80
C ASN A 802 -13.23 12.59 -43.68
N PRO A 803 -14.30 12.76 -44.46
CA PRO A 803 -15.45 11.86 -44.32
C PRO A 803 -15.16 10.42 -44.70
N SER A 804 -14.22 10.16 -45.59
CA SER A 804 -13.89 8.78 -45.96
C SER A 804 -13.35 8.02 -44.75
N GLY A 805 -12.89 8.78 -43.76
CA GLY A 805 -12.35 8.27 -42.52
C GLY A 805 -13.39 7.61 -41.67
N VAL A 806 -14.66 7.90 -41.97
CA VAL A 806 -15.77 7.34 -41.25
C VAL A 806 -16.51 6.27 -42.06
N ILE A 807 -16.47 6.36 -43.40
CA ILE A 807 -17.28 5.48 -44.24
C ILE A 807 -17.24 4.01 -43.80
N GLN A 808 -16.03 3.46 -43.66
CA GLN A 808 -15.87 2.03 -43.36
C GLN A 808 -16.44 1.60 -42.01
N ASP A 809 -16.50 2.49 -41.03
CA ASP A 809 -16.94 2.11 -39.68
C ASP A 809 -18.13 2.91 -39.21
N PHE A 810 -19.05 3.20 -40.13
CA PHE A 810 -20.16 4.08 -39.81
C PHE A 810 -21.08 3.47 -38.76
N ILE A 811 -21.15 2.13 -38.68
CA ILE A 811 -21.96 1.49 -37.64
C ILE A 811 -21.57 2.01 -36.26
N PHE A 812 -20.26 2.13 -36.01
CA PHE A 812 -19.78 2.67 -34.74
C PHE A 812 -20.25 4.09 -34.49
N PHE A 813 -20.20 4.96 -35.50
CA PHE A 813 -20.66 6.33 -35.33
C PHE A 813 -22.15 6.40 -35.06
N CYS A 814 -22.96 5.69 -35.87
CA CYS A 814 -24.40 5.57 -35.61
C CYS A 814 -24.67 5.19 -34.17
N ASP A 815 -23.98 4.16 -33.68
CA ASP A 815 -24.18 3.76 -32.28
C ASP A 815 -23.79 4.88 -31.33
N ALA A 816 -22.68 5.57 -31.58
CA ALA A 816 -22.28 6.63 -30.66
C ALA A 816 -23.31 7.75 -30.63
N VAL A 817 -23.87 8.12 -31.78
CA VAL A 817 -24.91 9.16 -31.80
C VAL A 817 -26.17 8.69 -31.08
N ALA A 818 -26.55 7.43 -31.28
CA ALA A 818 -27.70 6.85 -30.58
C ALA A 818 -27.51 6.83 -29.07
N SER A 819 -26.28 6.95 -28.59
CA SER A 819 -26.05 6.96 -27.16
C SER A 819 -26.50 8.27 -26.50
N TRP A 820 -26.62 9.36 -27.26
CA TRP A 820 -27.15 10.62 -26.73
C TRP A 820 -28.64 10.55 -26.40
N ILE A 821 -28.98 10.79 -25.14
CA ILE A 821 -30.36 10.96 -24.67
C ILE A 821 -30.84 12.38 -24.96
N ASN A 822 -30.24 13.40 -24.32
CA ASN A 822 -30.65 14.79 -24.49
C ASN A 822 -29.51 15.64 -25.04
N PRO A 823 -29.26 15.58 -26.35
CA PRO A 823 -28.20 16.42 -26.92
C PRO A 823 -28.72 17.84 -27.13
N LYS A 824 -27.87 18.84 -26.88
CA LYS A 824 -28.25 20.19 -27.25
C LYS A 824 -28.53 20.28 -28.76
N ASP A 825 -29.47 21.15 -29.14
CA ASP A 825 -29.98 21.16 -30.52
C ASP A 825 -28.91 21.30 -31.59
N ASP A 826 -27.90 22.17 -31.40
CA ASP A 826 -26.89 22.31 -32.45
C ASP A 826 -26.11 21.00 -32.64
N LEU A 827 -25.83 20.28 -31.55
CA LEU A 827 -25.18 18.99 -31.71
C LEU A 827 -26.08 18.01 -32.45
N ARG A 828 -27.40 18.07 -32.18
CA ARG A 828 -28.33 17.17 -32.87
C ARG A 828 -28.34 17.40 -34.38
N ASP A 829 -28.53 18.66 -34.82
CA ASP A 829 -28.50 18.92 -36.27
C ASP A 829 -27.16 18.55 -36.89
N MET A 830 -26.03 18.80 -36.19
CA MET A 830 -24.77 18.30 -36.73
C MET A 830 -24.89 16.80 -37.02
N PHE A 831 -25.45 16.06 -36.06
CA PHE A 831 -25.66 14.62 -36.21
C PHE A 831 -26.49 14.31 -37.46
N CYS A 832 -27.67 14.93 -37.54
CA CYS A 832 -28.61 14.72 -38.63
C CYS A 832 -28.00 15.03 -39.99
N LYS A 833 -27.12 16.02 -40.04
CA LYS A 833 -26.50 16.40 -41.30
C LYS A 833 -25.52 15.32 -41.75
N ILE A 834 -24.72 14.79 -40.82
CA ILE A 834 -23.83 13.68 -41.19
C ILE A 834 -24.60 12.39 -41.54
N LEU A 835 -25.62 12.03 -40.77
CA LEU A 835 -26.41 10.82 -41.08
C LEU A 835 -27.13 10.92 -42.43
N HIS A 836 -28.00 11.91 -42.59
CA HIS A 836 -28.63 12.19 -43.88
C HIS A 836 -27.60 12.20 -45.00
N GLY A 837 -26.48 12.89 -44.79
CA GLY A 837 -25.40 12.88 -45.76
C GLY A 837 -24.93 11.49 -46.17
N PHE A 838 -24.71 10.61 -45.19
CA PHE A 838 -24.26 9.23 -45.48
C PHE A 838 -25.26 8.41 -46.29
N LYS A 839 -26.54 8.51 -45.98
CA LYS A 839 -27.49 7.65 -46.71
C LYS A 839 -27.50 7.99 -48.20
N ASN A 840 -27.40 9.29 -48.56
CA ASN A 840 -27.34 9.82 -49.92
C ASN A 840 -26.14 9.43 -50.78
N GLN A 841 -25.24 8.57 -50.31
CA GLN A 841 -24.08 8.14 -51.11
C GLN A 841 -24.11 6.64 -51.41
N VAL A 842 -24.63 5.81 -50.51
CA VAL A 842 -24.65 4.35 -50.67
C VAL A 842 -26.06 3.98 -51.14
N GLY A 843 -26.97 4.96 -51.13
CA GLY A 843 -28.29 4.73 -51.64
C GLY A 843 -29.27 3.98 -50.81
N ASP A 844 -30.55 4.29 -51.02
CA ASP A 844 -31.63 3.72 -50.22
C ASP A 844 -31.43 2.21 -50.10
N GLU A 845 -30.75 1.61 -51.09
CA GLU A 845 -30.56 0.16 -51.07
C GLU A 845 -29.46 -0.24 -50.08
N ASN A 846 -28.19 0.21 -50.31
CA ASN A 846 -27.17 -0.12 -49.30
C ASN A 846 -27.55 0.40 -47.92
N TRP A 847 -28.24 1.55 -47.83
CA TRP A 847 -28.70 2.06 -46.54
C TRP A 847 -29.61 1.09 -45.80
N ARG A 848 -30.65 0.62 -46.48
CA ARG A 848 -31.61 -0.28 -45.87
C ARG A 848 -30.95 -1.57 -45.42
N ARG A 849 -30.06 -2.07 -46.26
CA ARG A 849 -29.32 -3.30 -45.97
C ARG A 849 -28.35 -3.08 -44.81
N PHE A 850 -27.74 -1.90 -44.76
CA PHE A 850 -26.87 -1.52 -43.66
C PHE A 850 -27.65 -1.34 -42.34
N SER A 851 -28.76 -0.62 -42.38
CA SER A 851 -29.56 -0.35 -41.19
C SER A 851 -30.39 -1.52 -40.72
N ASP A 852 -30.51 -2.58 -41.52
CA ASP A 852 -31.12 -3.82 -41.07
C ASP A 852 -30.33 -4.36 -39.90
N GLN A 853 -29.02 -4.10 -39.91
CA GLN A 853 -28.10 -4.59 -38.91
C GLN A 853 -28.20 -3.79 -37.60
N PHE A 854 -29.03 -2.72 -37.59
CA PHE A 854 -29.32 -1.89 -36.38
C PHE A 854 -30.15 -2.67 -35.37
N PRO A 855 -29.72 -2.85 -34.12
CA PRO A 855 -30.67 -3.28 -33.08
C PRO A 855 -31.86 -2.33 -33.04
N LEU A 856 -33.05 -2.84 -32.65
CA LEU A 856 -34.26 -2.01 -32.60
C LEU A 856 -34.11 -0.66 -31.89
N PRO A 857 -33.55 -0.58 -30.68
CA PRO A 857 -33.44 0.74 -30.03
C PRO A 857 -32.72 1.78 -30.86
N LEU A 858 -31.64 1.36 -31.52
CA LEU A 858 -30.87 2.24 -32.38
C LEU A 858 -31.68 2.78 -33.56
N LYS A 859 -32.24 1.89 -34.38
CA LYS A 859 -33.02 2.32 -35.55
C LYS A 859 -34.13 3.29 -35.15
N GLU A 860 -34.77 3.02 -34.01
CA GLU A 860 -35.90 3.85 -33.64
C GLU A 860 -35.43 5.20 -33.13
N ARG A 861 -34.36 5.21 -32.34
CA ARG A 861 -33.80 6.43 -31.78
C ARG A 861 -33.39 7.40 -32.88
N LEU A 862 -32.78 6.89 -33.95
CA LEU A 862 -32.36 7.82 -34.99
C LEU A 862 -33.48 8.21 -35.93
N ALA A 863 -34.56 7.43 -36.05
CA ALA A 863 -35.74 8.02 -36.69
C ALA A 863 -36.47 9.03 -35.79
N ALA A 864 -36.45 8.83 -34.46
CA ALA A 864 -37.03 9.74 -33.47
C ALA A 864 -36.37 11.12 -33.42
N PHE A 865 -35.03 11.20 -33.45
CA PHE A 865 -34.36 12.51 -33.41
C PHE A 865 -33.94 13.06 -34.77
N TYR A 866 -33.50 12.21 -35.68
CA TYR A 866 -32.69 12.62 -36.81
C TYR A 866 -33.41 12.31 -38.10
N GLY A 867 -34.50 11.57 -38.01
CA GLY A 867 -35.38 11.17 -39.08
C GLY A 867 -34.68 10.46 -40.21
N VAL A 868 -33.82 9.52 -39.83
CA VAL A 868 -33.10 8.71 -40.77
C VAL A 868 -33.70 7.31 -40.58
N GLY B 35 -15.26 8.27 -14.04
CA GLY B 35 -15.68 8.97 -15.24
C GLY B 35 -14.63 9.91 -15.80
N PRO B 36 -14.94 10.58 -16.90
CA PRO B 36 -13.98 11.53 -17.50
C PRO B 36 -13.64 12.67 -16.56
N GLY B 37 -12.34 12.92 -16.38
CA GLY B 37 -11.82 13.84 -15.41
C GLY B 37 -10.61 13.27 -14.69
N LYS B 38 -10.22 13.97 -13.63
CA LYS B 38 -9.07 13.59 -12.83
C LYS B 38 -9.26 12.25 -12.16
N MET B 39 -8.13 11.65 -11.78
CA MET B 39 -8.11 10.38 -11.13
C MET B 39 -7.31 10.62 -9.89
N ASP B 40 -7.95 10.70 -8.73
CA ASP B 40 -7.20 10.93 -7.52
C ASP B 40 -7.07 9.66 -6.73
N SER B 41 -6.21 9.70 -5.74
CA SER B 41 -5.97 8.50 -4.95
C SER B 41 -6.48 8.65 -3.52
N ARG B 42 -7.46 9.53 -3.30
CA ARG B 42 -7.94 9.77 -1.94
C ARG B 42 -8.69 8.55 -1.40
N GLY B 43 -9.56 7.95 -2.20
CA GLY B 43 -10.23 6.74 -1.74
C GLY B 43 -9.26 5.65 -1.33
N GLU B 44 -8.20 5.47 -2.13
CA GLU B 44 -7.20 4.44 -1.85
C GLU B 44 -6.37 4.77 -0.61
N HIS B 45 -6.01 6.04 -0.42
CA HIS B 45 -5.30 6.42 0.81
C HIS B 45 -6.19 6.18 2.03
N ARG B 46 -7.49 6.44 1.88
CA ARG B 46 -8.42 6.22 2.98
C ARG B 46 -8.52 4.74 3.32
N GLN B 47 -8.51 3.88 2.30
CA GLN B 47 -8.53 2.44 2.57
C GLN B 47 -7.22 1.94 3.13
N ASP B 48 -6.09 2.59 2.79
CA ASP B 48 -4.78 2.19 3.33
C ASP B 48 -4.64 2.46 4.83
N ARG B 49 -5.39 3.41 5.37
CA ARG B 49 -5.35 3.69 6.80
C ARG B 49 -6.48 3.04 7.57
N ARG B 50 -7.36 2.32 6.87
CA ARG B 50 -8.41 1.57 7.55
C ARG B 50 -7.62 0.46 8.24
N GLU B 51 -7.97 0.13 9.48
CA GLU B 51 -7.21 -0.88 10.23
C GLU B 51 -7.29 -2.24 9.56
N ARG B 52 -6.20 -3.00 9.58
CA ARG B 52 -6.18 -4.33 8.96
C ARG B 52 -6.47 -5.42 9.99
N LEU B 53 -7.56 -6.16 9.80
CA LEU B 53 -7.90 -7.25 10.75
C LEU B 53 -6.90 -8.38 10.60
N TYR B 54 -6.41 -8.61 9.40
CA TYR B 54 -5.43 -9.70 9.19
C TYR B 54 -4.72 -9.39 7.90
#